data_9OPV
#
_entry.id   9OPV
#
_cell.length_a   1.00
_cell.length_b   1.00
_cell.length_c   1.00
_cell.angle_alpha   90.00
_cell.angle_beta   90.00
_cell.angle_gamma   90.00
#
_symmetry.space_group_name_H-M   'P 1'
#
_entity_poly.entity_id   1
_entity_poly.type   'polypeptide(L)'
_entity_poly.pdbx_seq_one_letter_code
;MTAPRSWAPTTRARGDTEALCSPEDGWVKVHPTPGTMLFREILHGQLGYTEGQGVYNVVRSSEATTRQLQAAIFHALLNA
TTYRDLEADWLGHVAARGLQPQRLVRRYRNAREADIAGVAERVFDTWRNTLRTTLLDFAHGLVACFAPGGPSGPSSFPKY
IDWLTCLGLVPILRKRQEGGVTQGLRAFLKQHPLTRQLATVAEAAERAGPGFFELALAFDSTRVADYDRVYIYYNHRRGD
WLVRDPISGQRGECLVLWPPLWTGDRLVFDSPVQRLFPEIVACHSLREHAHVCRLRNTASVKVLLGRKSDSERGVAGAAR
VVNKVLGEDDETKAGSAASRLVRLIINMKGMRHVGDINDTVRSYLDEAGGHLIDAPAVDGTLPGFGKGGNSRGSAGQDQG
GRAPQLRQAFRTAVVNNINGVLEGYINNLFGTIERLRETNAGLATQLQERDRELRRATAGALERQQRAADLAAESVTGGC
GSRPAGADLLRADYDIIDVSKSMDDDTYVANSFQHPYIPSYAQDLERLSRLWEHELVRCFKILCHRNNQGQETSISYSSG
AIAAFVAPYFESVLRAPRVGAPITGSDVILGEEELWDAVFKKTRLQTYLTDIAALFVADVQHAALPPPPSPVGADFRPGA
SPRGRSRSRSPGRTAPGAPDQGGGIGHRDGRRDGRR
;
_entity_poly.pdbx_strand_id   M,N,O,P,Q,R,S,T,U,V
#
# COMPACT_ATOMS: atom_id res chain seq x y z
N ALA A 337 21.07 25.38 -16.98
CA ALA A 337 20.34 24.14 -16.81
C ALA A 337 18.86 24.40 -16.51
N ALA A 338 18.58 25.62 -16.02
CA ALA A 338 17.19 25.98 -15.73
C ALA A 338 16.37 26.09 -17.00
N SER A 339 17.00 26.41 -18.13
CA SER A 339 16.29 26.44 -19.40
C SER A 339 15.76 25.05 -19.75
N ARG A 340 16.55 24.01 -19.48
CA ARG A 340 16.06 22.65 -19.68
C ARG A 340 14.85 22.37 -18.80
N LEU A 341 14.88 22.85 -17.55
CA LEU A 341 13.76 22.66 -16.64
C LEU A 341 12.50 23.33 -17.18
N VAL A 342 12.61 24.60 -17.61
CA VAL A 342 11.43 25.31 -18.08
C VAL A 342 10.92 24.70 -19.37
N ARG A 343 11.82 24.25 -20.26
CA ARG A 343 11.39 23.59 -21.49
C ARG A 343 10.66 22.29 -21.19
N LEU A 344 11.17 21.51 -20.24
CA LEU A 344 10.50 20.26 -19.88
C LEU A 344 9.14 20.53 -19.27
N ILE A 345 9.03 21.54 -18.42
CA ILE A 345 7.75 21.82 -17.77
C ILE A 345 6.74 22.35 -18.77
N ILE A 346 7.18 23.22 -19.70
CA ILE A 346 6.27 23.70 -20.74
C ILE A 346 5.97 22.65 -21.78
N ASN A 347 6.76 21.57 -21.82
CA ASN A 347 6.55 20.52 -22.82
C ASN A 347 5.24 19.78 -22.57
N MET A 348 4.92 19.46 -21.32
CA MET A 348 3.71 18.71 -21.01
C MET A 348 2.47 19.57 -21.15
N ASP A 356 4.97 16.77 -10.91
CA ASP A 356 5.88 15.67 -10.62
C ASP A 356 7.34 16.10 -10.75
N ILE A 357 7.67 16.73 -11.88
CA ILE A 357 9.03 17.21 -12.10
C ILE A 357 9.34 18.37 -11.17
N ASN A 358 8.40 19.31 -11.02
CA ASN A 358 8.65 20.50 -10.22
C ASN A 358 8.90 20.14 -8.76
N ASP A 359 8.09 19.25 -8.20
CA ASP A 359 8.24 18.88 -6.80
C ASP A 359 9.59 18.21 -6.56
N THR A 360 9.97 17.28 -7.44
CA THR A 360 11.24 16.58 -7.26
C THR A 360 12.42 17.53 -7.39
N VAL A 361 12.38 18.42 -8.40
CA VAL A 361 13.53 19.30 -8.60
C VAL A 361 13.63 20.33 -7.47
N ARG A 362 12.49 20.79 -6.94
CA ARG A 362 12.55 21.76 -5.85
C ARG A 362 12.96 21.09 -4.54
N SER A 363 12.57 19.83 -4.33
CA SER A 363 13.02 19.12 -3.15
C SER A 363 14.51 18.81 -3.23
N TYR A 364 15.03 18.58 -4.44
CA TYR A 364 16.48 18.39 -4.58
C TYR A 364 17.23 19.70 -4.39
N LEU A 365 16.70 20.79 -4.94
CA LEU A 365 17.41 22.07 -4.89
C LEU A 365 17.61 22.53 -3.44
N ASP A 366 16.58 22.39 -2.62
CA ASP A 366 16.66 22.79 -1.22
C ASP A 366 17.31 21.70 -0.38
N ARG A 407 30.82 32.34 0.69
CA ARG A 407 29.67 31.77 0.00
C ARG A 407 28.58 31.40 0.99
N GLN A 408 28.96 31.24 2.26
CA GLN A 408 27.99 30.92 3.31
C GLN A 408 26.97 32.04 3.48
N ALA A 409 27.44 33.29 3.53
CA ALA A 409 26.53 34.42 3.67
C ALA A 409 25.64 34.56 2.44
N PHE A 410 26.21 34.33 1.25
CA PHE A 410 25.41 34.39 0.03
C PHE A 410 24.29 33.36 0.06
N ARG A 411 24.61 32.13 0.49
CA ARG A 411 23.59 31.09 0.57
C ARG A 411 22.55 31.41 1.64
N THR A 412 22.97 32.00 2.76
CA THR A 412 22.00 32.39 3.79
C THR A 412 21.03 33.44 3.25
N ALA A 413 21.56 34.43 2.53
CA ALA A 413 20.69 35.46 1.95
C ALA A 413 19.75 34.86 0.90
N VAL A 414 20.25 33.95 0.08
CA VAL A 414 19.41 33.30 -0.92
C VAL A 414 18.29 32.51 -0.25
N VAL A 415 18.62 31.79 0.83
CA VAL A 415 17.62 31.03 1.57
C VAL A 415 16.56 31.97 2.14
N ASN A 416 16.99 33.11 2.69
CA ASN A 416 16.03 34.07 3.24
C ASN A 416 15.10 34.59 2.16
N ASN A 417 15.65 34.93 0.98
CA ASN A 417 14.82 35.42 -0.11
C ASN A 417 13.82 34.36 -0.58
N ILE A 418 14.28 33.11 -0.70
CA ILE A 418 13.39 32.03 -1.11
C ILE A 418 12.26 31.85 -0.10
N ASN A 419 12.60 31.87 1.18
CA ASN A 419 11.59 31.68 2.22
C ASN A 419 10.56 32.81 2.19
N GLY A 420 11.01 34.05 2.02
CA GLY A 420 10.07 35.16 1.93
C GLY A 420 9.16 35.05 0.72
N VAL A 421 9.72 34.66 -0.42
CA VAL A 421 8.91 34.49 -1.63
C VAL A 421 7.85 33.41 -1.41
N LEU A 422 8.26 32.29 -0.81
CA LEU A 422 7.32 31.20 -0.57
C LEU A 422 6.21 31.64 0.38
N GLU A 423 6.56 32.38 1.44
CA GLU A 423 5.53 32.84 2.37
C GLU A 423 4.55 33.78 1.68
N GLY A 424 5.05 34.69 0.85
CA GLY A 424 4.15 35.57 0.11
C GLY A 424 3.22 34.80 -0.81
N TYR A 425 3.75 33.81 -1.51
CA TYR A 425 2.91 33.03 -2.41
C TYR A 425 1.86 32.22 -1.64
N ILE A 426 2.23 31.71 -0.47
CA ILE A 426 1.27 31.00 0.38
C ILE A 426 0.15 31.94 0.82
N ASN A 427 0.50 33.17 1.19
CA ASN A 427 -0.53 34.14 1.56
C ASN A 427 -1.46 34.42 0.38
N ASN A 428 -0.90 34.56 -0.82
CA ASN A 428 -1.74 34.78 -2.00
C ASN A 428 -2.67 33.60 -2.25
N LEU A 429 -2.16 32.38 -2.09
CA LEU A 429 -3.01 31.20 -2.27
C LEU A 429 -4.13 31.17 -1.24
N PHE A 430 -3.84 31.56 0.01
CA PHE A 430 -4.90 31.64 1.01
C PHE A 430 -5.94 32.67 0.62
N GLY A 431 -5.50 33.78 0.02
CA GLY A 431 -6.44 34.76 -0.50
C GLY A 431 -7.36 34.18 -1.57
N THR A 432 -6.78 33.44 -2.51
CA THR A 432 -7.63 32.80 -3.53
C THR A 432 -8.59 31.80 -2.88
N ILE A 433 -8.14 31.11 -1.83
CA ILE A 433 -9.00 30.18 -1.11
C ILE A 433 -10.21 30.90 -0.55
N GLU A 434 -9.98 32.04 0.12
CA GLU A 434 -11.12 32.76 0.70
C GLU A 434 -12.03 33.30 -0.38
N ARG A 435 -11.47 33.75 -1.51
CA ARG A 435 -12.32 34.19 -2.62
C ARG A 435 -13.26 33.08 -3.07
N LEU A 436 -12.70 31.90 -3.37
CA LEU A 436 -13.54 30.83 -3.88
C LEU A 436 -14.51 30.31 -2.82
N ARG A 437 -14.12 30.35 -1.55
CA ARG A 437 -15.05 29.93 -0.49
C ARG A 437 -16.23 30.87 -0.38
N GLU A 438 -15.98 32.18 -0.48
CA GLU A 438 -17.08 33.14 -0.50
C GLU A 438 -17.99 32.90 -1.70
N THR A 439 -17.38 32.65 -2.86
CA THR A 439 -18.18 32.37 -4.06
C THR A 439 -19.05 31.13 -3.86
N ASN A 440 -18.48 30.07 -3.30
CA ASN A 440 -19.23 28.84 -3.08
C ASN A 440 -20.38 29.06 -2.10
N ALA A 441 -20.13 29.80 -1.03
CA ALA A 441 -21.20 30.07 -0.06
C ALA A 441 -22.33 30.85 -0.70
N GLY A 442 -22.00 31.88 -1.49
CA GLY A 442 -23.04 32.64 -2.17
C GLY A 442 -23.84 31.79 -3.14
N LEU A 443 -23.16 30.94 -3.91
CA LEU A 443 -23.85 30.07 -4.85
C LEU A 443 -24.78 29.11 -4.12
N ALA A 444 -24.32 28.55 -3.00
CA ALA A 444 -25.16 27.61 -2.24
C ALA A 444 -26.40 28.30 -1.69
N THR A 445 -26.23 29.51 -1.14
CA THR A 445 -27.39 30.23 -0.60
C THR A 445 -28.38 30.57 -1.71
N GLN A 446 -27.88 31.02 -2.87
CA GLN A 446 -28.78 31.30 -3.99
C GLN A 446 -29.51 30.04 -4.45
N LEU A 447 -28.80 28.91 -4.50
CA LEU A 447 -29.40 27.64 -4.86
C LEU A 447 -30.56 27.30 -3.92
N GLN A 448 -30.31 27.39 -2.61
CA GLN A 448 -31.36 27.05 -1.64
C GLN A 448 -32.55 27.98 -1.76
N GLU A 449 -32.29 29.28 -1.91
CA GLU A 449 -33.38 30.25 -2.03
C GLU A 449 -34.22 29.98 -3.28
N ARG A 450 -33.57 29.72 -4.40
CA ARG A 450 -34.30 29.47 -5.63
C ARG A 450 -35.11 28.19 -5.56
N ASP A 451 -34.55 27.14 -4.93
CA ASP A 451 -35.36 25.93 -4.70
C ASP A 451 -36.55 26.22 -3.81
N ARG A 452 -36.38 27.09 -2.81
CA ARG A 452 -37.50 27.47 -1.96
C ARG A 452 -38.63 28.08 -2.78
N GLU A 453 -38.30 29.08 -3.61
CA GLU A 453 -39.35 29.63 -4.47
C GLU A 453 -39.90 28.61 -5.48
N LEU A 454 -39.07 27.69 -5.96
CA LEU A 454 -39.55 26.64 -6.85
C LEU A 454 -40.65 25.83 -6.18
N ARG A 455 -40.40 25.38 -4.95
CA ARG A 455 -41.38 24.56 -4.26
C ARG A 455 -42.57 25.38 -3.76
N ARG A 456 -42.38 26.69 -3.57
CA ARG A 456 -43.51 27.55 -3.22
C ARG A 456 -44.33 27.96 -4.43
N ALA A 457 -43.84 27.70 -5.65
CA ALA A 457 -44.55 28.12 -6.85
C ALA A 457 -45.93 27.48 -6.93
N THR A 458 -46.04 26.18 -6.66
CA THR A 458 -47.32 25.49 -6.75
C THR A 458 -48.23 25.88 -5.59
N VAL B 354 -2.12 22.27 21.10
CA VAL B 354 -1.65 23.59 20.68
C VAL B 354 -0.69 24.16 21.70
N GLY B 355 -1.07 24.05 22.98
CA GLY B 355 -0.20 24.53 24.04
C GLY B 355 1.11 23.79 24.12
N ASP B 356 1.11 22.49 23.81
CA ASP B 356 2.34 21.72 23.76
C ASP B 356 3.28 22.27 22.68
N ILE B 357 2.72 22.67 21.54
CA ILE B 357 3.53 23.25 20.48
C ILE B 357 4.17 24.55 20.96
N ASN B 358 3.40 25.38 21.66
CA ASN B 358 3.95 26.63 22.19
C ASN B 358 5.05 26.36 23.20
N ASP B 359 4.86 25.36 24.06
CA ASP B 359 5.89 25.05 25.07
C ASP B 359 7.16 24.52 24.41
N THR B 360 7.02 23.68 23.39
CA THR B 360 8.18 23.20 22.65
C THR B 360 8.91 24.35 21.96
N VAL B 361 8.14 25.28 21.38
CA VAL B 361 8.73 26.46 20.77
C VAL B 361 9.50 27.27 21.81
N ARG B 362 8.93 27.42 23.01
CA ARG B 362 9.62 28.12 24.09
C ARG B 362 10.93 27.44 24.45
N SER B 363 10.90 26.12 24.60
CA SER B 363 12.10 25.39 24.99
C SER B 363 13.20 25.51 23.92
N TYR B 364 12.82 25.40 22.65
CA TYR B 364 13.82 25.46 21.60
C TYR B 364 14.29 26.89 21.34
N LEU B 365 13.47 27.89 21.62
CA LEU B 365 13.95 29.27 21.61
C LEU B 365 14.94 29.52 22.74
N ASP B 366 14.70 28.89 23.90
CA ASP B 366 15.68 28.95 24.97
C ASP B 366 17.00 28.29 24.56
N GLU B 367 16.92 27.13 23.92
CA GLU B 367 18.13 26.44 23.49
C GLU B 367 18.90 27.25 22.45
N ALA B 368 18.22 27.67 21.37
CA ALA B 368 18.90 28.30 20.26
C ALA B 368 19.28 29.75 20.57
N GLY B 369 18.43 30.46 21.30
CA GLY B 369 18.65 31.86 21.62
C GLY B 369 19.92 32.10 22.42
N ALA B 409 23.88 28.83 12.97
CA ALA B 409 24.05 27.77 12.00
C ALA B 409 22.83 26.85 11.97
N PHE B 410 22.41 26.39 13.15
CA PHE B 410 21.24 25.53 13.24
C PHE B 410 19.98 26.26 12.79
N ARG B 411 19.94 27.57 13.02
CA ARG B 411 18.78 28.36 12.61
C ARG B 411 18.56 28.30 11.11
N THR B 412 19.65 28.37 10.34
CA THR B 412 19.53 28.30 8.88
C THR B 412 19.00 26.95 8.42
N ALA B 413 19.47 25.87 9.05
CA ALA B 413 18.96 24.54 8.70
C ALA B 413 17.49 24.38 9.04
N VAL B 414 17.09 24.92 10.21
CA VAL B 414 15.68 24.89 10.59
C VAL B 414 14.85 25.66 9.57
N VAL B 415 15.34 26.82 9.13
CA VAL B 415 14.64 27.61 8.13
C VAL B 415 14.51 26.83 6.83
N ASN B 416 15.58 26.14 6.43
CA ASN B 416 15.55 25.36 5.19
C ASN B 416 14.51 24.25 5.27
N ASN B 417 14.47 23.53 6.39
CA ASN B 417 13.51 22.44 6.50
C ASN B 417 12.08 22.94 6.61
N ILE B 418 11.86 24.07 7.28
CA ILE B 418 10.53 24.67 7.29
C ILE B 418 10.14 25.10 5.88
N ASN B 419 11.12 25.58 5.11
CA ASN B 419 10.85 25.92 3.71
C ASN B 419 10.40 24.70 2.93
N GLY B 420 11.04 23.56 3.15
CA GLY B 420 10.61 22.34 2.49
C GLY B 420 9.20 21.91 2.91
N VAL B 421 8.90 22.00 4.20
CA VAL B 421 7.56 21.64 4.66
C VAL B 421 6.52 22.55 4.02
N LEU B 422 6.81 23.85 3.92
CA LEU B 422 5.86 24.76 3.33
C LEU B 422 5.77 24.57 1.81
N GLU B 423 6.84 24.12 1.16
CA GLU B 423 6.73 23.85 -0.27
C GLU B 423 5.89 22.60 -0.53
N GLY B 424 5.86 21.66 0.41
CA GLY B 424 4.87 20.59 0.34
C GLY B 424 3.45 21.10 0.59
N TYR B 425 3.32 22.02 1.56
CA TYR B 425 2.03 22.66 1.80
C TYR B 425 1.54 23.38 0.55
N ILE B 426 2.46 23.83 -0.31
CA ILE B 426 2.08 24.46 -1.56
C ILE B 426 1.30 23.49 -2.44
N ASN B 427 1.79 22.25 -2.57
CA ASN B 427 1.07 21.25 -3.35
C ASN B 427 -0.26 20.90 -2.72
N ASN B 428 -0.29 20.79 -1.38
CA ASN B 428 -1.57 20.60 -0.70
C ASN B 428 -2.56 21.71 -1.06
N LEU B 429 -2.08 22.95 -1.05
CA LEU B 429 -2.93 24.10 -1.38
C LEU B 429 -3.45 24.01 -2.80
N PHE B 430 -2.58 23.62 -3.74
CA PHE B 430 -3.00 23.49 -5.13
C PHE B 430 -4.11 22.44 -5.27
N GLY B 431 -3.95 21.31 -4.60
CA GLY B 431 -4.99 20.30 -4.65
C GLY B 431 -6.32 20.79 -4.11
N THR B 432 -6.28 21.50 -2.98
CA THR B 432 -7.51 22.07 -2.42
C THR B 432 -8.14 23.06 -3.40
N ILE B 433 -7.32 23.90 -4.04
CA ILE B 433 -7.84 24.87 -5.01
C ILE B 433 -8.56 24.16 -6.14
N GLU B 434 -7.94 23.13 -6.70
CA GLU B 434 -8.54 22.43 -7.82
C GLU B 434 -9.86 21.77 -7.44
N ARG B 435 -9.89 21.10 -6.27
CA ARG B 435 -11.12 20.44 -5.84
C ARG B 435 -12.24 21.45 -5.65
N LEU B 436 -11.95 22.58 -5.01
CA LEU B 436 -12.99 23.56 -4.76
C LEU B 436 -13.46 24.24 -6.04
N ARG B 437 -12.55 24.44 -7.00
CA ARG B 437 -12.98 24.97 -8.30
C ARG B 437 -13.93 24.01 -9.01
N GLU B 438 -13.62 22.71 -8.96
CA GLU B 438 -14.53 21.72 -9.55
C GLU B 438 -15.90 21.76 -8.88
N THR B 439 -15.90 21.87 -7.54
CA THR B 439 -17.17 21.97 -6.83
C THR B 439 -17.96 23.19 -7.27
N ASN B 440 -17.28 24.34 -7.44
CA ASN B 440 -17.95 25.55 -7.88
C ASN B 440 -18.56 25.37 -9.28
N ALA B 441 -17.83 24.74 -10.19
CA ALA B 441 -18.36 24.51 -11.53
C ALA B 441 -19.60 23.63 -11.50
N GLY B 442 -19.57 22.56 -10.70
CA GLY B 442 -20.75 21.72 -10.56
C GLY B 442 -21.95 22.48 -10.00
N LEU B 443 -21.69 23.31 -8.98
CA LEU B 443 -22.77 24.13 -8.43
C LEU B 443 -23.36 25.05 -9.50
N ALA B 444 -22.51 25.66 -10.31
CA ALA B 444 -22.99 26.57 -11.35
C ALA B 444 -23.87 25.84 -12.36
N THR B 445 -23.45 24.64 -12.80
CA THR B 445 -24.28 23.93 -13.79
C THR B 445 -25.61 23.49 -13.18
N GLN B 446 -25.61 23.11 -11.90
CA GLN B 446 -26.88 22.79 -11.24
C GLN B 446 -27.78 24.03 -11.18
N LEU B 447 -27.19 25.19 -10.88
CA LEU B 447 -27.95 26.44 -10.90
C LEU B 447 -28.61 26.65 -12.24
N GLN B 448 -27.86 26.44 -13.33
CA GLN B 448 -28.40 26.65 -14.66
C GLN B 448 -29.58 25.72 -14.94
N GLU B 449 -29.44 24.44 -14.58
CA GLU B 449 -30.53 23.50 -14.79
C GLU B 449 -31.78 23.92 -14.03
N ARG B 450 -31.61 24.33 -12.77
CA ARG B 450 -32.76 24.74 -11.97
C ARG B 450 -33.41 26.00 -12.54
N ASP B 451 -32.61 26.92 -13.07
CA ASP B 451 -33.19 28.08 -13.74
C ASP B 451 -34.06 27.66 -14.92
N ARG B 452 -33.56 26.72 -15.73
CA ARG B 452 -34.34 26.22 -16.86
C ARG B 452 -35.69 25.68 -16.38
N GLU B 453 -35.66 24.78 -15.40
CA GLU B 453 -36.91 24.13 -15.00
C GLU B 453 -37.89 25.12 -14.38
N LEU B 454 -37.39 26.09 -13.59
CA LEU B 454 -38.31 27.06 -13.01
C LEU B 454 -38.95 27.92 -14.09
N ARG B 455 -38.17 28.29 -15.13
CA ARG B 455 -38.77 29.06 -16.22
C ARG B 455 -39.87 28.28 -16.92
N ARG B 456 -39.65 27.00 -17.19
CA ARG B 456 -40.71 26.21 -17.82
C ARG B 456 -41.94 26.14 -16.92
N ALA B 457 -41.73 25.95 -15.61
CA ALA B 457 -42.86 25.85 -14.68
C ALA B 457 -43.68 27.14 -14.67
N THR B 458 -43.01 28.29 -14.59
CA THR B 458 -43.73 29.56 -14.58
C THR B 458 -44.49 29.79 -15.87
N ALA B 459 -43.86 29.48 -17.02
CA ALA B 459 -44.54 29.64 -18.29
C ALA B 459 -45.79 28.78 -18.37
N GLY B 460 -45.68 27.51 -17.94
CA GLY B 460 -46.85 26.64 -17.96
C GLY B 460 -47.96 27.14 -17.05
N ALA B 461 -47.61 27.63 -15.87
CA ALA B 461 -48.62 28.15 -14.95
C ALA B 461 -49.35 29.34 -15.57
N LEU B 462 -48.59 30.26 -16.17
CA LEU B 462 -49.24 31.42 -16.79
C LEU B 462 -50.14 31.00 -17.95
N GLU B 463 -49.70 30.02 -18.75
CA GLU B 463 -50.51 29.55 -19.86
C GLU B 463 -51.82 28.94 -19.36
N ARG B 464 -51.75 28.12 -18.29
CA ARG B 464 -52.96 27.53 -17.75
C ARG B 464 -53.91 28.59 -17.23
N GLN B 465 -53.37 29.60 -16.52
CA GLN B 465 -54.22 30.67 -16.02
C GLN B 465 -54.90 31.41 -17.16
N GLN B 466 -54.15 31.70 -18.23
CA GLN B 466 -54.74 32.41 -19.37
C GLN B 466 -55.83 31.57 -20.03
N ARG B 467 -55.60 30.26 -20.16
CA ARG B 467 -56.63 29.38 -20.74
C ARG B 467 -57.89 29.38 -19.89
N ALA B 468 -57.73 29.30 -18.57
CA ALA B 468 -58.90 29.31 -17.69
C ALA B 468 -59.65 30.64 -17.80
N ALA B 469 -58.92 31.75 -17.88
CA ALA B 469 -59.56 33.05 -18.03
C ALA B 469 -60.32 33.13 -19.35
N ASP B 470 -59.74 32.60 -20.43
CA ASP B 470 -60.43 32.60 -21.72
C ASP B 470 -61.69 31.77 -21.67
N LEU B 471 -61.64 30.60 -21.02
CA LEU B 471 -62.85 29.79 -20.89
C LEU B 471 -63.91 30.50 -20.07
N ALA B 472 -63.51 31.19 -19.00
CA ALA B 472 -64.47 31.86 -18.14
C ALA B 472 -65.19 33.01 -18.87
N ALA B 473 -64.49 33.68 -19.78
CA ALA B 473 -65.07 34.82 -20.49
C ALA B 473 -66.23 34.38 -21.38
N ALA C 337 12.44 31.73 13.13
CA ALA C 337 11.95 30.41 12.75
C ALA C 337 10.72 30.02 13.55
N ALA C 338 10.75 30.33 14.86
CA ALA C 338 9.61 30.02 15.71
C ALA C 338 8.39 30.85 15.33
N SER C 339 8.60 32.07 14.84
CA SER C 339 7.47 32.90 14.43
C SER C 339 6.71 32.27 13.27
N ARG C 340 7.43 31.67 12.32
CA ARG C 340 6.76 31.00 11.21
C ARG C 340 5.92 29.82 11.69
N LEU C 341 6.46 29.02 12.62
CA LEU C 341 5.73 27.88 13.13
C LEU C 341 4.49 28.33 13.91
N VAL C 342 4.62 29.37 14.73
CA VAL C 342 3.46 29.83 15.49
C VAL C 342 2.42 30.45 14.56
N ARG C 343 2.85 31.13 13.50
CA ARG C 343 1.91 31.64 12.50
C ARG C 343 1.17 30.49 11.82
N LEU C 344 1.90 29.44 11.45
CA LEU C 344 1.27 28.32 10.76
C LEU C 344 0.31 27.56 11.67
N ILE C 345 0.62 27.47 12.96
CA ILE C 345 -0.31 26.79 13.86
C ILE C 345 -1.49 27.71 14.20
N ILE C 346 -1.29 29.03 14.15
CA ILE C 346 -2.40 29.97 14.30
C ILE C 346 -3.33 29.87 13.10
N ASN C 347 -2.78 29.56 11.92
CA ASN C 347 -3.60 29.37 10.72
C ASN C 347 -4.71 28.36 10.97
N MET C 348 -4.40 27.26 11.67
CA MET C 348 -5.40 26.24 11.97
C MET C 348 -6.32 26.69 13.11
N ASP C 356 0.24 17.33 10.87
CA ASP C 356 1.16 17.17 9.74
C ASP C 356 2.37 18.10 9.88
N ILE C 357 2.11 19.37 10.18
CA ILE C 357 3.20 20.32 10.38
C ILE C 357 3.99 19.97 11.63
N ASN C 358 3.29 19.74 12.75
CA ASN C 358 3.97 19.49 14.02
C ASN C 358 4.72 18.16 13.97
N ASP C 359 4.15 17.15 13.32
CA ASP C 359 4.82 15.86 13.20
C ASP C 359 6.17 16.01 12.54
N THR C 360 6.20 16.65 11.36
CA THR C 360 7.45 16.81 10.63
C THR C 360 8.43 17.71 11.41
N VAL C 361 7.93 18.80 11.99
CA VAL C 361 8.82 19.72 12.71
C VAL C 361 9.47 19.01 13.88
N ARG C 362 8.67 18.29 14.68
CA ARG C 362 9.21 17.60 15.85
C ARG C 362 10.09 16.42 15.44
N SER C 363 9.81 15.81 14.29
CA SER C 363 10.69 14.75 13.81
C SER C 363 12.06 15.31 13.39
N TYR C 364 12.08 16.52 12.81
CA TYR C 364 13.36 17.11 12.44
C TYR C 364 14.14 17.58 13.67
N LEU C 365 13.49 18.37 14.54
CA LEU C 365 14.21 18.94 15.67
C LEU C 365 14.73 17.87 16.63
N ASP C 366 14.01 16.76 16.77
CA ASP C 366 14.43 15.70 17.67
C ASP C 366 15.55 14.87 17.05
N ARG C 407 29.20 21.23 23.90
CA ARG C 407 27.87 21.13 23.33
C ARG C 407 27.06 20.04 24.03
N GLN C 408 27.77 19.10 24.66
CA GLN C 408 27.10 17.98 25.31
C GLN C 408 26.27 18.43 26.51
N ALA C 409 26.79 19.39 27.28
CA ALA C 409 26.08 19.82 28.49
C ALA C 409 24.76 20.51 28.17
N PHE C 410 24.79 21.45 27.22
CA PHE C 410 23.56 22.13 26.81
C PHE C 410 22.58 21.15 26.19
N ARG C 411 23.09 20.22 25.37
CA ARG C 411 22.25 19.19 24.79
C ARG C 411 21.55 18.37 25.86
N THR C 412 22.30 17.94 26.88
CA THR C 412 21.71 17.15 27.95
C THR C 412 20.66 17.95 28.72
N ALA C 413 20.95 19.21 29.03
CA ALA C 413 20.01 20.01 29.80
C ALA C 413 18.71 20.22 29.02
N VAL C 414 18.81 20.58 27.74
CA VAL C 414 17.62 20.79 26.93
C VAL C 414 16.84 19.49 26.78
N VAL C 415 17.56 18.37 26.62
CA VAL C 415 16.89 17.07 26.52
C VAL C 415 16.11 16.77 27.79
N ASN C 416 16.72 17.02 28.96
CA ASN C 416 16.03 16.76 30.22
C ASN C 416 14.80 17.63 30.36
N ASN C 417 14.89 18.90 29.98
CA ASN C 417 13.72 19.77 30.05
C ASN C 417 12.61 19.27 29.15
N ILE C 418 12.97 18.84 27.93
CA ILE C 418 11.98 18.29 27.00
C ILE C 418 11.31 17.07 27.60
N ASN C 419 12.11 16.17 28.19
CA ASN C 419 11.55 14.96 28.80
C ASN C 419 10.57 15.32 29.91
N GLY C 420 10.94 16.28 30.75
CA GLY C 420 10.06 16.67 31.84
C GLY C 420 8.73 17.17 31.33
N VAL C 421 8.75 18.08 30.36
CA VAL C 421 7.50 18.63 29.83
C VAL C 421 6.67 17.53 29.18
N LEU C 422 7.31 16.71 28.35
CA LEU C 422 6.57 15.70 27.60
C LEU C 422 5.93 14.68 28.52
N GLU C 423 6.67 14.20 29.52
CA GLU C 423 6.10 13.23 30.46
C GLU C 423 5.04 13.87 31.34
N GLY C 424 5.17 15.16 31.65
CA GLY C 424 4.11 15.83 32.40
C GLY C 424 2.78 15.81 31.66
N TYR C 425 2.78 16.24 30.40
CA TYR C 425 1.48 16.22 29.75
C TYR C 425 1.10 14.81 29.24
N ILE C 426 2.06 13.89 29.18
CA ILE C 426 1.74 12.47 29.04
C ILE C 426 0.88 11.99 30.21
N ASN C 427 1.31 12.30 31.44
CA ASN C 427 0.52 11.92 32.61
C ASN C 427 -0.83 12.61 32.59
N ASN C 428 -0.86 13.89 32.18
CA ASN C 428 -2.15 14.59 32.07
C ASN C 428 -3.07 13.90 31.07
N LEU C 429 -2.52 13.47 29.93
CA LEU C 429 -3.35 12.80 28.92
C LEU C 429 -3.85 11.45 29.42
N PHE C 430 -3.03 10.72 30.19
CA PHE C 430 -3.55 9.49 30.79
C PHE C 430 -4.67 9.77 31.78
N GLY C 431 -4.56 10.86 32.55
CA GLY C 431 -5.66 11.25 33.40
C GLY C 431 -6.93 11.52 32.60
N THR C 432 -6.78 12.19 31.46
CA THR C 432 -7.92 12.41 30.58
C THR C 432 -8.50 11.10 30.10
N ILE C 433 -7.65 10.14 29.73
CA ILE C 433 -8.11 8.85 29.26
C ILE C 433 -8.92 8.13 30.34
N GLU C 434 -8.41 8.11 31.57
CA GLU C 434 -9.11 7.39 32.63
C GLU C 434 -10.43 8.07 32.98
N ARG C 435 -10.46 9.41 32.98
CA ARG C 435 -11.73 10.10 33.23
C ARG C 435 -12.74 9.80 32.13
N LEU C 436 -12.28 9.74 30.88
CA LEU C 436 -13.16 9.42 29.78
C LEU C 436 -13.70 8.00 29.90
N ARG C 437 -12.85 7.05 30.31
CA ARG C 437 -13.31 5.67 30.47
C ARG C 437 -14.34 5.57 31.58
N GLU C 438 -14.15 6.29 32.67
CA GLU C 438 -15.17 6.33 33.72
C GLU C 438 -16.48 6.89 33.18
N THR C 439 -16.40 7.95 32.39
CA THR C 439 -17.60 8.52 31.79
C THR C 439 -18.31 7.50 30.90
N ASN C 440 -17.53 6.76 30.10
CA ASN C 440 -18.12 5.74 29.23
C ASN C 440 -18.83 4.67 30.04
N ALA C 441 -18.21 4.21 31.13
CA ALA C 441 -18.84 3.18 31.96
C ALA C 441 -20.14 3.70 32.57
N GLY C 442 -20.12 4.92 33.09
CA GLY C 442 -21.34 5.47 33.68
C GLY C 442 -22.46 5.60 32.66
N LEU C 443 -22.14 6.13 31.47
CA LEU C 443 -23.16 6.26 30.44
C LEU C 443 -23.70 4.91 30.01
N ALA C 444 -22.83 3.91 29.87
CA ALA C 444 -23.26 2.58 29.46
C ALA C 444 -24.23 1.99 30.48
N THR C 445 -23.85 2.00 31.76
CA THR C 445 -24.71 1.39 32.78
C THR C 445 -26.02 2.15 32.90
N GLN C 446 -26.00 3.47 32.74
CA GLN C 446 -27.26 4.22 32.71
C GLN C 446 -28.12 3.78 31.53
N LEU C 447 -27.50 3.51 30.38
CA LEU C 447 -28.23 3.03 29.22
C LEU C 447 -28.89 1.67 29.48
N GLN C 448 -28.15 0.71 30.04
CA GLN C 448 -28.77 -0.58 30.31
C GLN C 448 -29.89 -0.44 31.33
N GLU C 449 -29.71 0.43 32.32
CA GLU C 449 -30.75 0.62 33.32
C GLU C 449 -32.03 1.16 32.69
N ARG C 450 -31.91 2.15 31.80
CA ARG C 450 -33.10 2.71 31.17
C ARG C 450 -33.75 1.70 30.23
N ASP C 451 -32.94 0.91 29.51
CA ASP C 451 -33.51 -0.12 28.64
C ASP C 451 -34.28 -1.16 29.45
N ARG C 452 -33.73 -1.56 30.60
CA ARG C 452 -34.43 -2.50 31.46
C ARG C 452 -35.73 -1.90 31.99
N GLU C 453 -35.71 -0.60 32.32
CA GLU C 453 -36.95 0.06 32.73
C GLU C 453 -37.97 0.03 31.61
N LEU C 454 -37.54 0.29 30.38
CA LEU C 454 -38.42 0.19 29.22
C LEU C 454 -39.03 -1.21 29.14
N ARG C 455 -38.20 -2.24 29.30
CA ARG C 455 -38.72 -3.60 29.22
C ARG C 455 -39.72 -3.89 30.32
N ARG C 456 -39.46 -3.40 31.54
CA ARG C 456 -40.41 -3.62 32.63
C ARG C 456 -41.69 -2.81 32.44
N ALA C 457 -41.64 -1.75 31.63
CA ALA C 457 -42.79 -0.86 31.48
C ALA C 457 -43.99 -1.59 30.91
N THR C 458 -43.78 -2.43 29.90
CA THR C 458 -44.88 -3.15 29.25
C THR C 458 -45.50 -4.17 30.20
N VAL D 354 6.00 -10.35 29.16
CA VAL D 354 6.90 -11.30 28.51
C VAL D 354 8.31 -11.12 29.05
N GLY D 355 9.02 -12.23 29.24
CA GLY D 355 10.35 -12.18 29.80
C GLY D 355 11.42 -11.69 28.84
N ASP D 356 11.14 -11.68 27.54
CA ASP D 356 12.15 -11.26 26.58
C ASP D 356 12.50 -9.79 26.74
N ILE D 357 11.50 -8.94 26.94
CA ILE D 357 11.75 -7.51 27.12
C ILE D 357 12.52 -7.26 28.42
N ASN D 358 12.18 -8.01 29.48
CA ASN D 358 12.91 -7.86 30.73
C ASN D 358 14.36 -8.29 30.59
N ASP D 359 14.60 -9.39 29.86
CA ASP D 359 15.97 -9.83 29.62
C ASP D 359 16.75 -8.81 28.81
N THR D 360 16.12 -8.23 27.79
CA THR D 360 16.79 -7.20 27.01
C THR D 360 17.12 -5.98 27.86
N VAL D 361 16.18 -5.58 28.72
CA VAL D 361 16.42 -4.44 29.62
C VAL D 361 17.59 -4.75 30.55
N ARG D 362 17.62 -5.95 31.11
CA ARG D 362 18.72 -6.34 32.00
C ARG D 362 20.05 -6.33 31.25
N SER D 363 20.07 -6.85 30.02
CA SER D 363 21.30 -6.89 29.25
C SER D 363 21.81 -5.48 28.95
N TYR D 364 20.91 -4.58 28.56
CA TYR D 364 21.36 -3.21 28.26
C TYR D 364 21.76 -2.47 29.52
N LEU D 365 21.11 -2.75 30.66
CA LEU D 365 21.52 -2.13 31.92
C LEU D 365 22.91 -2.62 32.32
N ASP D 366 23.20 -3.90 32.09
CA ASP D 366 24.55 -4.41 32.32
C ASP D 366 25.55 -3.77 31.38
N GLU D 367 25.14 -3.55 30.13
CA GLU D 367 26.01 -2.87 29.17
C GLU D 367 26.35 -1.46 29.64
N ALA D 368 25.35 -0.74 30.15
CA ALA D 368 25.58 0.61 30.64
C ALA D 368 26.54 0.62 31.82
N GLY D 369 26.39 -0.32 32.75
CA GLY D 369 27.25 -0.41 33.91
C GLY D 369 28.19 -1.59 33.86
N ALA D 409 27.05 9.75 27.72
CA ALA D 409 27.01 9.61 26.27
C ALA D 409 25.87 8.70 25.84
N PHE D 410 25.92 7.44 26.30
CA PHE D 410 24.87 6.49 25.97
C PHE D 410 23.53 6.91 26.57
N ARG D 411 23.55 7.47 27.78
CA ARG D 411 22.32 7.85 28.46
C ARG D 411 21.54 8.87 27.66
N THR D 412 22.22 9.91 27.15
CA THR D 412 21.54 10.96 26.43
C THR D 412 20.92 10.43 25.13
N ALA D 413 21.66 9.58 24.41
CA ALA D 413 21.13 9.01 23.17
C ALA D 413 19.92 8.12 23.44
N VAL D 414 19.98 7.31 24.50
CA VAL D 414 18.84 6.46 24.85
C VAL D 414 17.64 7.32 25.20
N VAL D 415 17.87 8.42 25.93
CA VAL D 415 16.77 9.31 26.29
C VAL D 415 16.19 9.97 25.05
N ASN D 416 17.03 10.30 24.07
CA ASN D 416 16.53 10.86 22.81
C ASN D 416 15.65 9.85 22.08
N ASN D 417 16.07 8.58 22.06
CA ASN D 417 15.25 7.54 21.45
C ASN D 417 13.91 7.41 22.17
N ILE D 418 13.94 7.47 23.50
CA ILE D 418 12.71 7.43 24.27
C ILE D 418 11.83 8.64 23.96
N ASN D 419 12.46 9.78 23.70
CA ASN D 419 11.72 10.97 23.28
C ASN D 419 11.01 10.74 21.96
N GLY D 420 11.70 10.11 21.00
CA GLY D 420 11.07 9.84 19.72
C GLY D 420 9.88 8.90 19.84
N VAL D 421 10.05 7.80 20.58
CA VAL D 421 8.93 6.88 20.75
C VAL D 421 7.82 7.56 21.54
N LEU D 422 8.17 8.48 22.45
CA LEU D 422 7.17 9.18 23.22
C LEU D 422 6.33 10.09 22.34
N GLU D 423 6.94 10.79 21.38
CA GLU D 423 6.14 11.64 20.51
C GLU D 423 5.28 10.81 19.55
N GLY D 424 5.80 9.67 19.10
CA GLY D 424 4.94 8.75 18.35
C GLY D 424 3.71 8.34 19.15
N TYR D 425 3.91 8.01 20.43
CA TYR D 425 2.77 7.67 21.27
C TYR D 425 1.90 8.88 21.58
N ILE D 426 2.45 10.09 21.55
CA ILE D 426 1.62 11.29 21.64
C ILE D 426 0.63 11.32 20.49
N ASN D 427 1.11 11.07 19.27
CA ASN D 427 0.21 11.05 18.12
C ASN D 427 -0.85 9.96 18.27
N ASN D 428 -0.42 8.76 18.67
CA ASN D 428 -1.35 7.64 18.85
C ASN D 428 -2.42 7.99 19.88
N LEU D 429 -2.00 8.58 21.01
CA LEU D 429 -2.94 8.90 22.08
C LEU D 429 -3.91 10.00 21.68
N PHE D 430 -3.44 10.98 20.90
CA PHE D 430 -4.36 11.99 20.37
C PHE D 430 -5.43 11.34 19.51
N GLY D 431 -5.02 10.41 18.63
CA GLY D 431 -6.01 9.72 17.81
C GLY D 431 -7.04 8.97 18.63
N THR D 432 -6.57 8.21 19.64
CA THR D 432 -7.52 7.45 20.44
C THR D 432 -8.42 8.37 21.27
N ILE D 433 -7.91 9.53 21.70
CA ILE D 433 -8.75 10.49 22.42
C ILE D 433 -9.88 10.98 21.52
N GLU D 434 -9.56 11.31 20.26
CA GLU D 434 -10.60 11.78 19.35
C GLU D 434 -11.66 10.71 19.13
N ARG D 435 -11.21 9.47 18.89
CA ARG D 435 -12.18 8.39 18.66
C ARG D 435 -13.08 8.20 19.87
N LEU D 436 -12.49 8.21 21.06
CA LEU D 436 -13.28 8.00 22.28
C LEU D 436 -14.26 9.15 22.49
N ARG D 437 -13.88 10.37 22.17
CA ARG D 437 -14.81 11.50 22.29
C ARG D 437 -16.00 11.32 21.36
N GLU D 438 -15.75 10.88 20.12
CA GLU D 438 -16.86 10.62 19.21
C GLU D 438 -17.79 9.54 19.77
N THR D 439 -17.20 8.48 20.33
CA THR D 439 -18.02 7.43 20.94
C THR D 439 -18.88 7.99 22.07
N ASN D 440 -18.29 8.84 22.90
CA ASN D 440 -19.05 9.46 24.00
C ASN D 440 -20.23 10.24 23.47
N ALA D 441 -20.02 11.01 22.40
CA ALA D 441 -21.11 11.80 21.83
C ALA D 441 -22.24 10.90 21.34
N GLY D 442 -21.89 9.81 20.65
CA GLY D 442 -22.91 8.89 20.17
C GLY D 442 -23.73 8.29 21.31
N LEU D 443 -23.03 7.83 22.36
CA LEU D 443 -23.74 7.28 23.51
C LEU D 443 -24.64 8.31 24.17
N ALA D 444 -24.16 9.54 24.31
CA ALA D 444 -24.99 10.60 24.87
C ALA D 444 -26.28 10.75 24.07
N THR D 445 -26.16 10.86 22.74
CA THR D 445 -27.33 11.09 21.90
C THR D 445 -28.34 9.95 22.03
N GLN D 446 -27.84 8.70 21.96
CA GLN D 446 -28.76 7.58 22.03
C GLN D 446 -29.44 7.49 23.40
N LEU D 447 -28.75 7.90 24.47
CA LEU D 447 -29.41 7.85 25.77
C LEU D 447 -30.50 8.92 25.89
N GLN D 448 -30.30 10.14 25.36
CA GLN D 448 -31.41 11.07 25.51
C GLN D 448 -32.59 10.67 24.62
N GLU D 449 -32.33 10.06 23.45
CA GLU D 449 -33.46 9.65 22.63
C GLU D 449 -34.23 8.51 23.29
N ARG D 450 -33.52 7.60 23.96
CA ARG D 450 -34.19 6.57 24.75
C ARG D 450 -35.04 7.19 25.85
N ASP D 451 -34.51 8.20 26.52
CA ASP D 451 -35.29 8.87 27.57
C ASP D 451 -36.57 9.47 27.00
N ARG D 452 -36.48 10.12 25.84
CA ARG D 452 -37.64 10.76 25.24
C ARG D 452 -38.70 9.73 24.85
N GLU D 453 -38.27 8.63 24.22
CA GLU D 453 -39.25 7.60 23.83
C GLU D 453 -39.90 6.96 25.06
N LEU D 454 -39.13 6.74 26.13
CA LEU D 454 -39.76 6.14 27.30
C LEU D 454 -40.72 7.11 27.99
N ARG D 455 -40.44 8.42 27.94
CA ARG D 455 -41.39 9.35 28.54
C ARG D 455 -42.69 9.40 27.74
N ARG D 456 -42.62 9.35 26.40
CA ARG D 456 -43.87 9.18 25.65
C ARG D 456 -44.58 7.88 26.01
N ALA D 457 -43.82 6.80 26.20
CA ALA D 457 -44.45 5.53 26.56
C ALA D 457 -45.24 5.64 27.86
N THR D 458 -44.62 6.19 28.91
CA THR D 458 -45.31 6.27 30.19
C THR D 458 -46.48 7.26 30.14
N ALA D 459 -46.35 8.35 29.38
CA ALA D 459 -47.46 9.28 29.25
C ALA D 459 -48.66 8.60 28.60
N GLY D 460 -48.41 7.84 27.53
CA GLY D 460 -49.49 7.12 26.88
C GLY D 460 -50.14 6.10 27.80
N ALA D 461 -49.32 5.40 28.59
CA ALA D 461 -49.87 4.43 29.54
C ALA D 461 -50.79 5.11 30.56
N LEU D 462 -50.34 6.24 31.10
CA LEU D 462 -51.16 6.95 32.07
C LEU D 462 -52.46 7.44 31.45
N GLU D 463 -52.40 7.95 30.21
CA GLU D 463 -53.62 8.39 29.53
C GLU D 463 -54.59 7.24 29.34
N ARG D 464 -54.09 6.07 28.94
CA ARG D 464 -54.97 4.91 28.76
C ARG D 464 -55.62 4.52 30.09
N GLN D 465 -54.84 4.50 31.18
CA GLN D 465 -55.41 4.16 32.47
C GLN D 465 -56.50 5.15 32.87
N GLN D 466 -56.25 6.45 32.66
CA GLN D 466 -57.24 7.45 33.03
C GLN D 466 -58.52 7.29 32.21
N ARG D 467 -58.40 7.04 30.91
CA ARG D 467 -59.59 6.86 30.09
C ARG D 467 -60.37 5.62 30.54
N ALA D 468 -59.68 4.52 30.83
CA ALA D 468 -60.36 3.32 31.29
C ALA D 468 -61.08 3.57 32.61
N ALA D 469 -60.44 4.27 33.54
CA ALA D 469 -61.07 4.56 34.82
C ALA D 469 -62.29 5.46 34.64
N ASP D 470 -62.18 6.46 33.76
CA ASP D 470 -63.32 7.35 33.51
C ASP D 470 -64.49 6.59 32.91
N LEU D 471 -64.23 5.71 31.94
CA LEU D 471 -65.31 4.94 31.34
C LEU D 471 -65.93 3.97 32.34
N ALA D 472 -65.11 3.38 33.21
CA ALA D 472 -65.64 2.45 34.21
C ALA D 472 -66.53 3.15 35.22
N ALA D 473 -66.27 4.42 35.50
CA ALA D 473 -67.05 5.16 36.49
C ALA D 473 -68.49 5.36 36.03
N ALA E 337 17.21 4.92 32.50
CA ALA E 337 16.73 4.70 31.15
C ALA E 337 15.79 3.51 31.09
N ALA E 338 16.18 2.43 31.79
CA ALA E 338 15.35 1.24 31.83
C ALA E 338 14.02 1.51 32.51
N SER E 339 13.99 2.43 33.48
CA SER E 339 12.75 2.74 34.18
C SER E 339 11.71 3.31 33.23
N ARG E 340 12.14 4.11 32.24
CA ARG E 340 11.19 4.63 31.27
C ARG E 340 10.58 3.52 30.43
N LEU E 341 11.40 2.54 30.02
CA LEU E 341 10.86 1.40 29.29
C LEU E 341 9.89 0.61 30.16
N VAL E 342 10.22 0.44 31.44
CA VAL E 342 9.33 -0.28 32.35
C VAL E 342 7.99 0.44 32.46
N ARG E 343 8.04 1.77 32.62
CA ARG E 343 6.82 2.57 32.65
C ARG E 343 6.01 2.38 31.38
N LEU E 344 6.67 2.50 30.22
CA LEU E 344 5.96 2.45 28.95
C LEU E 344 5.37 1.08 28.67
N ILE E 345 5.99 0.01 29.19
CA ILE E 345 5.42 -1.31 28.96
C ILE E 345 4.35 -1.64 30.00
N ILE E 346 4.42 -1.05 31.19
CA ILE E 346 3.31 -1.17 32.13
C ILE E 346 2.10 -0.41 31.60
N ASN E 347 2.34 0.66 30.84
CA ASN E 347 1.25 1.42 30.25
C ASN E 347 0.30 0.53 29.46
N MET E 348 0.83 -0.30 28.58
CA MET E 348 0.01 -1.19 27.77
C MET E 348 -0.41 -2.42 28.56
N ASP E 356 5.37 -2.83 19.60
CA ASP E 356 5.99 -1.82 18.75
C ASP E 356 7.13 -1.10 19.48
N ILE E 357 6.98 -0.93 20.79
CA ILE E 357 8.04 -0.28 21.58
C ILE E 357 9.27 -1.17 21.64
N ASN E 358 9.08 -2.48 21.85
CA ASN E 358 10.20 -3.39 21.95
C ASN E 358 11.00 -3.44 20.65
N ASP E 359 10.31 -3.49 19.51
CA ASP E 359 10.99 -3.54 18.22
C ASP E 359 11.82 -2.29 18.00
N THR E 360 11.24 -1.11 18.26
CA THR E 360 11.97 0.13 18.08
C THR E 360 13.17 0.21 19.02
N VAL E 361 12.99 -0.18 20.28
CA VAL E 361 14.08 -0.11 21.25
C VAL E 361 15.22 -1.03 20.82
N ARG E 362 14.91 -2.27 20.45
CA ARG E 362 15.96 -3.21 20.07
C ARG E 362 16.62 -2.82 18.75
N SER E 363 15.87 -2.20 17.83
CA SER E 363 16.47 -1.73 16.60
C SER E 363 17.41 -0.56 16.85
N TYR E 364 17.04 0.33 17.78
CA TYR E 364 17.92 1.43 18.12
C TYR E 364 19.14 0.96 18.90
N LEU E 365 19.01 -0.13 19.65
CA LEU E 365 20.18 -0.72 20.29
C LEU E 365 21.17 -1.24 19.24
N ASP E 366 20.67 -1.82 18.17
CA ASP E 366 21.50 -2.31 17.08
C ASP E 366 22.30 -1.17 16.44
N ARG E 407 37.05 -1.07 22.75
CA ARG E 407 35.60 -1.12 22.67
C ARG E 407 35.14 -2.44 22.06
N GLN E 408 36.05 -3.09 21.31
CA GLN E 408 35.70 -4.32 20.62
C GLN E 408 35.39 -5.44 21.61
N ALA E 409 36.17 -5.55 22.70
CA ALA E 409 35.99 -6.67 23.62
C ALA E 409 34.67 -6.60 24.35
N PHE E 410 34.34 -5.42 24.91
CA PHE E 410 33.08 -5.27 25.62
C PHE E 410 31.89 -5.46 24.69
N ARG E 411 32.00 -4.92 23.46
CA ARG E 411 30.94 -5.10 22.48
C ARG E 411 30.74 -6.57 22.15
N THR E 412 31.84 -7.31 21.98
CA THR E 412 31.74 -8.74 21.69
C THR E 412 31.09 -9.49 22.85
N ALA E 413 31.46 -9.16 24.09
CA ALA E 413 30.88 -9.83 25.24
C ALA E 413 29.38 -9.56 25.34
N VAL E 414 28.97 -8.31 25.13
CA VAL E 414 27.55 -7.97 25.19
C VAL E 414 26.79 -8.67 24.08
N VAL E 415 27.37 -8.72 22.87
CA VAL E 415 26.73 -9.41 21.77
C VAL E 415 26.56 -10.89 22.10
N ASN E 416 27.57 -11.50 22.69
CA ASN E 416 27.47 -12.91 23.08
C ASN E 416 26.36 -13.12 24.10
N ASN E 417 26.25 -12.22 25.09
CA ASN E 417 25.19 -12.35 26.09
C ASN E 417 23.81 -12.25 25.45
N ILE E 418 23.63 -11.27 24.56
CA ILE E 418 22.35 -11.11 23.89
C ILE E 418 22.03 -12.34 23.04
N ASN E 419 23.03 -12.87 22.34
CA ASN E 419 22.81 -14.05 21.52
C ASN E 419 22.39 -15.25 22.36
N GLY E 420 23.05 -15.45 23.50
CA GLY E 420 22.69 -16.57 24.35
C GLY E 420 21.26 -16.46 24.88
N VAL E 421 20.90 -15.26 25.35
CA VAL E 421 19.54 -15.05 25.86
C VAL E 421 18.51 -15.30 24.76
N LEU E 422 18.77 -14.75 23.56
CA LEU E 422 17.82 -14.90 22.48
C LEU E 422 17.70 -16.35 22.02
N GLU E 423 18.82 -17.08 21.97
CA GLU E 423 18.77 -18.48 21.59
C GLU E 423 17.97 -19.30 22.60
N GLY E 424 18.17 -19.04 23.90
CA GLY E 424 17.37 -19.72 24.91
C GLY E 424 15.89 -19.44 24.75
N TYR E 425 15.54 -18.17 24.50
CA TYR E 425 14.13 -17.84 24.34
C TYR E 425 13.54 -18.48 23.09
N ILE E 426 14.31 -18.58 22.01
CA ILE E 426 13.83 -19.24 20.80
C ILE E 426 13.60 -20.72 21.06
N ASN E 427 14.51 -21.36 21.78
CA ASN E 427 14.32 -22.77 22.11
C ASN E 427 13.04 -22.97 22.93
N ASN E 428 12.80 -22.08 23.90
CA ASN E 428 11.57 -22.16 24.68
C ASN E 428 10.34 -21.97 23.80
N LEU E 429 10.40 -21.03 22.85
CA LEU E 429 9.29 -20.80 21.95
C LEU E 429 9.00 -22.05 21.12
N PHE E 430 10.05 -22.67 20.58
CA PHE E 430 9.86 -23.88 19.78
C PHE E 430 9.28 -25.01 20.62
N GLY E 431 9.73 -25.15 21.86
CA GLY E 431 9.15 -26.14 22.74
C GLY E 431 7.66 -25.92 22.96
N THR E 432 7.27 -24.67 23.23
CA THR E 432 5.86 -24.35 23.39
C THR E 432 5.08 -24.68 22.12
N ILE E 433 5.64 -24.33 20.96
CA ILE E 433 4.96 -24.55 19.69
C ILE E 433 4.71 -26.03 19.48
N GLU E 434 5.73 -26.87 19.70
CA GLU E 434 5.52 -28.30 19.49
C GLU E 434 4.52 -28.87 20.50
N ARG E 435 4.61 -28.45 21.77
CA ARG E 435 3.64 -28.87 22.77
C ARG E 435 2.22 -28.65 22.27
N LEU E 436 1.88 -27.40 21.98
CA LEU E 436 0.53 -27.09 21.54
C LEU E 436 0.20 -27.69 20.18
N ARG E 437 1.20 -28.01 19.35
CA ARG E 437 0.91 -28.66 18.08
C ARG E 437 0.40 -30.08 18.31
N GLU E 438 1.08 -30.85 19.16
CA GLU E 438 0.50 -32.15 19.51
C GLU E 438 -0.83 -31.99 20.23
N THR E 439 -0.98 -30.94 21.03
CA THR E 439 -2.27 -30.71 21.69
C THR E 439 -3.39 -30.54 20.68
N ASN E 440 -3.15 -29.70 19.65
CA ASN E 440 -4.17 -29.46 18.64
C ASN E 440 -4.44 -30.72 17.82
N ALA E 441 -3.39 -31.50 17.52
CA ALA E 441 -3.61 -32.75 16.80
C ALA E 441 -4.50 -33.69 17.60
N GLY E 442 -4.23 -33.82 18.90
CA GLY E 442 -5.05 -34.67 19.74
C GLY E 442 -6.49 -34.19 19.83
N LEU E 443 -6.68 -32.88 19.95
CA LEU E 443 -8.03 -32.34 20.02
C LEU E 443 -8.78 -32.58 18.71
N ALA E 444 -8.11 -32.42 17.57
CA ALA E 444 -8.76 -32.69 16.29
C ALA E 444 -9.15 -34.15 16.15
N THR E 445 -8.26 -35.06 16.56
CA THR E 445 -8.60 -36.48 16.49
C THR E 445 -9.75 -36.82 17.42
N GLN E 446 -9.79 -36.20 18.60
CA GLN E 446 -10.92 -36.40 19.51
C GLN E 446 -12.22 -35.91 18.87
N LEU E 447 -12.17 -34.76 18.21
CA LEU E 447 -13.36 -34.25 17.52
C LEU E 447 -13.84 -35.24 16.46
N GLN E 448 -12.92 -35.73 15.63
CA GLN E 448 -13.32 -36.68 14.59
C GLN E 448 -13.90 -37.96 15.19
N GLU E 449 -13.27 -38.47 16.24
CA GLU E 449 -13.75 -39.70 16.86
C GLU E 449 -15.15 -39.51 17.44
N ARG E 450 -15.37 -38.40 18.15
CA ARG E 450 -16.68 -38.18 18.75
C ARG E 450 -17.75 -37.96 17.68
N ASP E 451 -17.43 -37.24 16.62
CA ASP E 451 -18.40 -37.05 15.55
C ASP E 451 -18.74 -38.36 14.88
N ARG E 452 -17.75 -39.22 14.67
CA ARG E 452 -18.01 -40.52 14.07
C ARG E 452 -18.85 -41.39 14.99
N GLU E 453 -18.61 -41.30 16.30
CA GLU E 453 -19.45 -42.05 17.25
C GLU E 453 -20.88 -41.53 17.23
N LEU E 454 -21.05 -40.20 17.10
CA LEU E 454 -22.39 -39.63 16.98
C LEU E 454 -23.08 -40.15 15.73
N ARG E 455 -22.35 -40.22 14.61
CA ARG E 455 -22.94 -40.77 13.39
C ARG E 455 -23.27 -42.26 13.54
N ARG E 456 -22.46 -43.00 14.31
CA ARG E 456 -22.83 -44.35 14.72
C ARG E 456 -24.16 -44.36 15.46
N ALA E 457 -24.36 -43.39 16.36
CA ALA E 457 -25.54 -43.38 17.20
C ALA E 457 -26.83 -43.25 16.38
N THR E 458 -26.80 -42.45 15.33
CA THR E 458 -27.98 -42.22 14.51
C THR E 458 -28.47 -43.51 13.84
N VAL F 354 16.85 -26.26 -2.52
CA VAL F 354 17.47 -24.95 -2.68
C VAL F 354 18.89 -24.98 -2.15
N GLY F 355 19.86 -25.07 -3.06
CA GLY F 355 21.26 -25.09 -2.71
C GLY F 355 21.92 -23.75 -2.57
N ASP F 356 21.16 -22.66 -2.69
CA ASP F 356 21.75 -21.33 -2.60
C ASP F 356 22.33 -21.07 -1.22
N ILE F 357 21.64 -21.53 -0.16
CA ILE F 357 22.12 -21.30 1.20
C ILE F 357 23.48 -21.98 1.40
N ASN F 358 23.61 -23.22 0.95
CA ASN F 358 24.86 -23.94 1.13
C ASN F 358 26.00 -23.29 0.36
N ASP F 359 25.74 -22.84 -0.87
CA ASP F 359 26.76 -22.17 -1.66
C ASP F 359 27.19 -20.86 -1.01
N THR F 360 26.23 -20.08 -0.50
CA THR F 360 26.57 -18.85 0.19
C THR F 360 27.40 -19.13 1.44
N VAL F 361 27.03 -20.17 2.19
CA VAL F 361 27.80 -20.55 3.38
C VAL F 361 29.23 -20.91 2.99
N ARG F 362 29.38 -21.70 1.92
CA ARG F 362 30.71 -22.08 1.47
C ARG F 362 31.53 -20.86 1.06
N SER F 363 30.92 -19.94 0.31
CA SER F 363 31.64 -18.74 -0.11
C SER F 363 32.05 -17.89 1.08
N TYR F 364 31.16 -17.73 2.06
CA TYR F 364 31.49 -16.94 3.24
C TYR F 364 32.62 -17.59 4.04
N LEU F 365 32.56 -18.91 4.20
CA LEU F 365 33.63 -19.60 4.94
C LEU F 365 34.96 -19.50 4.22
N ASP F 366 34.95 -19.59 2.89
CA ASP F 366 36.18 -19.42 2.13
C ASP F 366 36.73 -18.00 2.27
N GLU F 367 35.84 -17.00 2.24
CA GLU F 367 36.29 -15.62 2.40
C GLU F 367 36.88 -15.39 3.79
N ALA F 368 36.22 -15.92 4.83
CA ALA F 368 36.72 -15.73 6.19
C ALA F 368 38.07 -16.40 6.40
N GLY F 369 38.25 -17.60 5.84
CA GLY F 369 39.50 -18.32 5.98
C GLY F 369 40.17 -18.62 4.66
N ALA F 409 36.80 -8.97 13.50
CA ALA F 409 36.09 -7.73 13.20
C ALA F 409 34.84 -8.00 12.36
N PHE F 410 35.06 -8.61 11.18
CA PHE F 410 33.94 -8.95 10.31
C PHE F 410 33.02 -9.97 10.97
N ARG F 411 33.59 -10.91 11.73
CA ARG F 411 32.78 -11.93 12.40
C ARG F 411 31.82 -11.29 13.39
N THR F 412 32.29 -10.31 14.16
CA THR F 412 31.42 -9.64 15.11
C THR F 412 30.29 -8.89 14.41
N ALA F 413 30.61 -8.24 13.29
CA ALA F 413 29.59 -7.50 12.55
C ALA F 413 28.53 -8.43 11.97
N VAL F 414 28.95 -9.54 11.38
CA VAL F 414 27.97 -10.46 10.82
C VAL F 414 27.14 -11.11 11.93
N VAL F 415 27.75 -11.35 13.10
CA VAL F 415 26.98 -11.86 14.23
C VAL F 415 25.94 -10.84 14.68
N ASN F 416 26.33 -9.56 14.72
CA ASN F 416 25.37 -8.52 15.07
C ASN F 416 24.20 -8.47 14.08
N ASN F 417 24.51 -8.59 12.78
CA ASN F 417 23.45 -8.54 11.78
C ASN F 417 22.53 -9.75 11.90
N ILE F 418 23.09 -10.94 12.10
CA ILE F 418 22.23 -12.12 12.28
C ILE F 418 21.43 -12.00 13.57
N ASN F 419 21.97 -11.34 14.59
CA ASN F 419 21.22 -11.07 15.80
C ASN F 419 20.01 -10.20 15.51
N GLY F 420 20.20 -9.14 14.71
CA GLY F 420 19.08 -8.28 14.36
C GLY F 420 18.01 -9.01 13.56
N VAL F 421 18.43 -9.83 12.59
CA VAL F 421 17.45 -10.57 11.80
C VAL F 421 16.72 -11.60 12.67
N LEU F 422 17.42 -12.20 13.62
CA LEU F 422 16.78 -13.08 14.59
C LEU F 422 15.72 -12.34 15.41
N GLU F 423 16.06 -11.13 15.85
CA GLU F 423 15.09 -10.30 16.54
C GLU F 423 13.86 -10.07 15.67
N GLY F 424 14.07 -9.85 14.38
CA GLY F 424 12.94 -9.74 13.46
C GLY F 424 12.10 -11.00 13.41
N TYR F 425 12.76 -12.17 13.36
CA TYR F 425 12.04 -13.44 13.30
C TYR F 425 11.19 -13.68 14.55
N ILE F 426 11.60 -13.11 15.68
CA ILE F 426 10.86 -13.30 16.92
C ILE F 426 9.40 -12.86 16.77
N ASN F 427 9.17 -11.74 16.08
CA ASN F 427 7.81 -11.24 15.93
C ASN F 427 6.94 -12.17 15.10
N ASN F 428 7.52 -12.76 14.04
CA ASN F 428 6.79 -13.77 13.29
C ASN F 428 6.41 -14.94 14.18
N LEU F 429 7.34 -15.38 15.03
CA LEU F 429 7.02 -16.44 15.97
C LEU F 429 5.86 -16.05 16.89
N PHE F 430 5.86 -14.80 17.36
CA PHE F 430 4.80 -14.34 18.25
C PHE F 430 3.44 -14.34 17.54
N GLY F 431 3.40 -13.84 16.31
CA GLY F 431 2.15 -13.84 15.57
C GLY F 431 1.61 -15.24 15.35
N THR F 432 2.50 -16.17 14.98
CA THR F 432 2.09 -17.55 14.81
C THR F 432 1.51 -18.11 16.10
N ILE F 433 2.18 -17.85 17.23
CA ILE F 433 1.74 -18.44 18.50
C ILE F 433 0.37 -17.89 18.89
N GLU F 434 0.14 -16.59 18.64
CA GLU F 434 -1.17 -16.01 18.98
C GLU F 434 -2.28 -16.64 18.13
N ARG F 435 -2.08 -16.71 16.81
CA ARG F 435 -3.14 -17.22 15.95
C ARG F 435 -3.45 -18.67 16.27
N LEU F 436 -2.43 -19.49 16.51
CA LEU F 436 -2.72 -20.88 16.85
C LEU F 436 -3.38 -21.00 18.22
N ARG F 437 -3.09 -20.09 19.15
CA ARG F 437 -3.78 -20.13 20.43
C ARG F 437 -5.27 -19.86 20.27
N GLU F 438 -5.64 -18.88 19.44
CA GLU F 438 -7.06 -18.65 19.19
C GLU F 438 -7.69 -19.86 18.51
N THR F 439 -6.97 -20.48 17.57
CA THR F 439 -7.48 -21.70 16.93
C THR F 439 -7.74 -22.80 17.95
N ASN F 440 -6.83 -22.97 18.90
CA ASN F 440 -6.99 -23.98 19.94
C ASN F 440 -8.24 -23.71 20.77
N ALA F 441 -8.45 -22.44 21.15
CA ALA F 441 -9.63 -22.10 21.95
C ALA F 441 -10.92 -22.43 21.20
N GLY F 442 -10.97 -22.05 19.91
CA GLY F 442 -12.15 -22.36 19.12
C GLY F 442 -12.42 -23.85 19.01
N LEU F 443 -11.35 -24.63 18.77
CA LEU F 443 -11.50 -26.08 18.70
C LEU F 443 -12.05 -26.63 20.01
N ALA F 444 -11.53 -26.14 21.13
CA ALA F 444 -12.00 -26.62 22.43
C ALA F 444 -13.49 -26.36 22.62
N THR F 445 -13.92 -25.13 22.36
CA THR F 445 -15.34 -24.80 22.59
C THR F 445 -16.24 -25.61 21.68
N GLN F 446 -15.80 -25.85 20.43
CA GLN F 446 -16.57 -26.72 19.54
C GLN F 446 -16.66 -28.13 20.11
N LEU F 447 -15.56 -28.61 20.71
CA LEU F 447 -15.58 -29.91 21.38
C LEU F 447 -16.65 -29.98 22.46
N GLN F 448 -16.70 -28.98 23.35
CA GLN F 448 -17.70 -29.04 24.41
C GLN F 448 -19.12 -28.99 23.85
N GLU F 449 -19.35 -28.17 22.83
CA GLU F 449 -20.69 -28.09 22.27
C GLU F 449 -21.15 -29.44 21.71
N ARG F 450 -20.26 -30.12 20.97
CA ARG F 450 -20.64 -31.42 20.44
C ARG F 450 -20.81 -32.45 21.55
N ASP F 451 -20.00 -32.36 22.61
CA ASP F 451 -20.21 -33.21 23.78
C ASP F 451 -21.62 -33.10 24.30
N ARG F 452 -22.07 -31.87 24.53
CA ARG F 452 -23.40 -31.66 25.09
C ARG F 452 -24.48 -32.17 24.15
N GLU F 453 -24.34 -31.89 22.84
CA GLU F 453 -25.34 -32.36 21.89
C GLU F 453 -25.45 -33.88 21.90
N LEU F 454 -24.30 -34.57 21.93
CA LEU F 454 -24.32 -36.03 21.96
C LEU F 454 -24.99 -36.54 23.23
N ARG F 455 -24.69 -35.91 24.37
CA ARG F 455 -25.33 -36.33 25.62
C ARG F 455 -26.84 -36.22 25.54
N ARG F 456 -27.35 -35.10 25.03
CA ARG F 456 -28.80 -34.93 24.91
C ARG F 456 -29.40 -35.97 23.96
N ALA F 457 -28.72 -36.23 22.84
CA ALA F 457 -29.23 -37.23 21.90
C ALA F 457 -29.33 -38.60 22.54
N THR F 458 -28.28 -39.01 23.27
CA THR F 458 -28.30 -40.32 23.92
C THR F 458 -29.41 -40.40 24.96
N ALA F 459 -29.57 -39.34 25.75
CA ALA F 459 -30.63 -39.34 26.77
C ALA F 459 -32.01 -39.49 26.12
N GLY F 460 -32.26 -38.75 25.04
CA GLY F 460 -33.53 -38.87 24.36
C GLY F 460 -33.76 -40.26 23.81
N ALA F 461 -32.73 -40.87 23.22
CA ALA F 461 -32.86 -42.22 22.69
C ALA F 461 -33.21 -43.22 23.79
N LEU F 462 -32.53 -43.11 24.94
CA LEU F 462 -32.82 -44.03 26.05
C LEU F 462 -34.24 -43.84 26.55
N GLU F 463 -34.69 -42.58 26.65
CA GLU F 463 -36.06 -42.33 27.10
C GLU F 463 -37.07 -42.95 26.13
N ARG F 464 -36.84 -42.80 24.83
CA ARG F 464 -37.76 -43.38 23.85
C ARG F 464 -37.79 -44.90 23.95
N GLN F 465 -36.62 -45.53 24.11
CA GLN F 465 -36.59 -46.98 24.25
C GLN F 465 -37.34 -47.44 25.49
N GLN F 466 -37.13 -46.74 26.61
CA GLN F 466 -37.81 -47.12 27.84
C GLN F 466 -39.32 -46.96 27.71
N ARG F 467 -39.77 -45.88 27.08
CA ARG F 467 -41.20 -45.67 26.89
C ARG F 467 -41.80 -46.77 26.03
N ALA F 468 -41.12 -47.15 24.94
CA ALA F 468 -41.62 -48.21 24.09
C ALA F 468 -41.69 -49.53 24.85
N ALA F 469 -40.65 -49.84 25.64
CA ALA F 469 -40.67 -51.07 26.41
C ALA F 469 -41.80 -51.08 27.42
N ASP F 470 -42.04 -49.94 28.09
CA ASP F 470 -43.13 -49.86 29.06
C ASP F 470 -44.48 -50.06 28.38
N LEU F 471 -44.68 -49.45 27.21
CA LEU F 471 -45.94 -49.63 26.49
C LEU F 471 -46.13 -51.08 26.05
N ALA F 472 -45.05 -51.72 25.59
CA ALA F 472 -45.16 -53.09 25.11
C ALA F 472 -45.48 -54.06 26.24
N ALA F 473 -45.16 -53.71 27.48
CA ALA F 473 -45.39 -54.58 28.62
C ALA F 473 -46.88 -54.81 28.86
N ALA G 337 27.63 -16.91 13.05
CA ALA G 337 28.44 -17.54 12.00
C ALA G 337 27.55 -18.33 11.04
N ALA G 338 28.18 -19.21 10.24
CA ALA G 338 27.44 -20.01 9.28
C ALA G 338 26.55 -21.05 9.95
N SER G 339 26.86 -21.43 11.18
CA SER G 339 26.03 -22.41 11.89
C SER G 339 24.60 -21.89 12.08
N ARG G 340 24.44 -20.58 12.28
CA ARG G 340 23.10 -20.02 12.39
C ARG G 340 22.32 -20.16 11.08
N LEU G 341 22.99 -19.94 9.95
CA LEU G 341 22.34 -20.14 8.66
C LEU G 341 21.98 -21.61 8.45
N VAL G 342 22.86 -22.51 8.88
CA VAL G 342 22.58 -23.94 8.78
C VAL G 342 21.35 -24.30 9.62
N ARG G 343 21.27 -23.76 10.84
CA ARG G 343 20.11 -24.01 11.68
C ARG G 343 18.85 -23.44 11.05
N LEU G 344 18.96 -22.25 10.44
CA LEU G 344 17.80 -21.64 9.80
C LEU G 344 17.29 -22.48 8.64
N ILE G 345 18.20 -23.00 7.80
CA ILE G 345 17.75 -23.77 6.64
C ILE G 345 17.20 -25.13 7.09
N ILE G 346 17.83 -25.77 8.07
CA ILE G 346 17.33 -27.07 8.52
C ILE G 346 16.03 -26.91 9.32
N ASN G 347 15.76 -25.72 9.84
CA ASN G 347 14.51 -25.49 10.55
C ASN G 347 13.30 -25.62 9.63
N MET G 348 13.48 -25.41 8.33
CA MET G 348 12.40 -25.55 7.37
C MET G 348 12.29 -26.99 6.87
N ASP G 356 11.92 -14.29 3.83
CA ASP G 356 12.63 -13.04 3.63
C ASP G 356 13.79 -12.90 4.60
N ILE G 357 13.82 -13.77 5.61
CA ILE G 357 14.90 -13.75 6.59
C ILE G 357 16.23 -14.11 5.92
N ASN G 358 16.26 -15.24 5.21
CA ASN G 358 17.47 -15.64 4.51
C ASN G 358 17.82 -14.66 3.42
N ASP G 359 16.82 -14.13 2.72
CA ASP G 359 17.07 -13.12 1.69
C ASP G 359 17.74 -11.89 2.30
N THR G 360 17.25 -11.44 3.46
CA THR G 360 17.84 -10.27 4.10
C THR G 360 19.27 -10.54 4.53
N VAL G 361 19.53 -11.72 5.11
CA VAL G 361 20.87 -11.98 5.62
C VAL G 361 21.86 -12.12 4.46
N ARG G 362 21.44 -12.74 3.34
CA ARG G 362 22.36 -12.84 2.21
C ARG G 362 22.52 -11.51 1.50
N SER G 363 21.48 -10.66 1.51
CA SER G 363 21.62 -9.32 0.94
C SER G 363 22.62 -8.48 1.74
N TYR G 364 22.56 -8.57 3.07
CA TYR G 364 23.50 -7.81 3.87
C TYR G 364 24.90 -8.40 3.79
N LEU G 365 25.01 -9.73 3.70
CA LEU G 365 26.32 -10.36 3.59
C LEU G 365 27.02 -9.92 2.30
N ASP G 366 26.28 -9.82 1.21
CA ASP G 366 26.85 -9.40 -0.07
C ASP G 366 27.23 -7.92 -0.04
N ARG G 407 43.91 -6.72 0.06
CA ARG G 407 42.65 -6.05 0.35
C ARG G 407 41.75 -6.01 -0.87
N GLN G 408 42.12 -5.17 -1.85
CA GLN G 408 41.33 -5.04 -3.06
C GLN G 408 41.36 -6.32 -3.89
N ALA G 409 42.52 -6.98 -3.96
CA ALA G 409 42.64 -8.17 -4.81
C ALA G 409 41.79 -9.31 -4.29
N PHE G 410 41.84 -9.56 -2.98
CA PHE G 410 41.03 -10.63 -2.40
C PHE G 410 39.55 -10.35 -2.57
N ARG G 411 39.13 -9.10 -2.34
CA ARG G 411 37.73 -8.74 -2.51
C ARG G 411 37.29 -8.95 -3.96
N THR G 412 38.13 -8.54 -4.91
CA THR G 412 37.80 -8.74 -6.32
C THR G 412 37.67 -10.21 -6.67
N ALA G 413 38.59 -11.04 -6.16
CA ALA G 413 38.54 -12.47 -6.45
C ALA G 413 37.26 -13.09 -5.89
N VAL G 414 36.92 -12.75 -4.64
CA VAL G 414 35.72 -13.31 -4.03
C VAL G 414 34.48 -12.86 -4.79
N VAL G 415 34.43 -11.58 -5.18
CA VAL G 415 33.28 -11.08 -5.93
C VAL G 415 33.15 -11.80 -7.27
N ASN G 416 34.28 -12.01 -7.95
CA ASN G 416 34.26 -12.73 -9.22
C ASN G 416 33.75 -14.15 -9.05
N ASN G 417 34.22 -14.84 -8.01
CA ASN G 417 33.76 -16.21 -7.77
C ASN G 417 32.26 -16.24 -7.50
N ILE G 418 31.77 -15.32 -6.67
CA ILE G 418 30.34 -15.27 -6.36
C ILE G 418 29.54 -15.01 -7.63
N ASN G 419 29.98 -14.06 -8.44
CA ASN G 419 29.25 -13.72 -9.66
C ASN G 419 29.23 -14.90 -10.63
N GLY G 420 30.35 -15.60 -10.78
CA GLY G 420 30.36 -16.76 -11.66
C GLY G 420 29.46 -17.87 -11.19
N VAL G 421 29.47 -18.16 -9.89
CA VAL G 421 28.60 -19.19 -9.34
C VAL G 421 27.14 -18.82 -9.56
N LEU G 422 26.80 -17.56 -9.29
CA LEU G 422 25.42 -17.11 -9.48
C LEU G 422 25.00 -17.23 -10.94
N GLU G 423 25.86 -16.83 -11.88
CA GLU G 423 25.52 -16.91 -13.29
C GLU G 423 25.32 -18.35 -13.74
N GLY G 424 26.18 -19.25 -13.28
CA GLY G 424 26.00 -20.67 -13.63
C GLY G 424 24.70 -21.22 -13.10
N TYR G 425 24.38 -20.94 -11.83
CA TYR G 425 23.14 -21.44 -11.26
C TYR G 425 21.93 -20.82 -11.96
N ILE G 426 22.04 -19.56 -12.40
CA ILE G 426 20.97 -18.91 -13.14
C ILE G 426 20.76 -19.60 -14.48
N ASN G 427 21.84 -19.94 -15.17
CA ASN G 427 21.70 -20.67 -16.43
C ASN G 427 21.02 -22.01 -16.21
N ASN G 428 21.40 -22.71 -15.14
CA ASN G 428 20.76 -23.99 -14.85
C ASN G 428 19.26 -23.82 -14.56
N LEU G 429 18.91 -22.77 -13.82
CA LEU G 429 17.49 -22.51 -13.54
C LEU G 429 16.72 -22.18 -14.81
N PHE G 430 17.34 -21.41 -15.71
CA PHE G 430 16.71 -21.12 -17.00
C PHE G 430 16.45 -22.40 -17.77
N GLY G 431 17.44 -23.30 -17.80
CA GLY G 431 17.23 -24.58 -18.46
C GLY G 431 16.09 -25.37 -17.85
N THR G 432 16.04 -25.40 -16.52
CA THR G 432 14.99 -26.15 -15.83
C THR G 432 13.61 -25.59 -16.16
N ILE G 433 13.46 -24.27 -16.13
CA ILE G 433 12.16 -23.68 -16.42
C ILE G 433 11.78 -23.91 -17.89
N GLU G 434 12.77 -23.93 -18.79
CA GLU G 434 12.47 -24.23 -20.18
C GLU G 434 11.96 -25.65 -20.33
N ARG G 435 12.60 -26.61 -19.64
CA ARG G 435 12.11 -27.99 -19.68
C ARG G 435 10.68 -28.08 -19.15
N LEU G 436 10.41 -27.39 -18.04
CA LEU G 436 9.07 -27.44 -17.46
C LEU G 436 8.03 -26.85 -18.41
N ARG G 437 8.37 -25.74 -19.07
CA ARG G 437 7.44 -25.13 -20.02
C ARG G 437 7.17 -26.05 -21.20
N GLU G 438 8.22 -26.71 -21.72
CA GLU G 438 8.02 -27.64 -22.81
C GLU G 438 7.13 -28.81 -22.38
N THR G 439 7.34 -29.32 -21.17
CA THR G 439 6.50 -30.41 -20.68
C THR G 439 5.04 -29.96 -20.56
N ASN G 440 4.81 -28.77 -20.03
CA ASN G 440 3.45 -28.26 -19.91
C ASN G 440 2.79 -28.10 -21.27
N ALA G 441 3.54 -27.58 -22.25
CA ALA G 441 2.98 -27.43 -23.60
C ALA G 441 2.60 -28.78 -24.19
N GLY G 442 3.49 -29.78 -24.03
CA GLY G 442 3.17 -31.10 -24.55
C GLY G 442 1.94 -31.71 -23.89
N LEU G 443 1.83 -31.55 -22.58
CA LEU G 443 0.64 -32.06 -21.88
C LEU G 443 -0.62 -31.35 -22.36
N ALA G 444 -0.53 -30.04 -22.60
CA ALA G 444 -1.69 -29.31 -23.10
C ALA G 444 -2.12 -29.82 -24.48
N THR G 445 -1.16 -30.03 -25.38
CA THR G 445 -1.50 -30.55 -26.70
C THR G 445 -2.10 -31.95 -26.62
N GLN G 446 -1.57 -32.79 -25.72
CA GLN G 446 -2.18 -34.10 -25.52
C GLN G 446 -3.61 -33.97 -25.02
N LEU G 447 -3.85 -33.02 -24.12
CA LEU G 447 -5.20 -32.76 -23.63
C LEU G 447 -6.14 -32.42 -24.78
N GLN G 448 -5.75 -31.47 -25.64
CA GLN G 448 -6.62 -31.09 -26.74
C GLN G 448 -6.85 -32.25 -27.70
N GLU G 449 -5.79 -33.01 -28.00
CA GLU G 449 -5.94 -34.13 -28.93
C GLU G 449 -6.89 -35.18 -28.39
N ARG G 450 -6.76 -35.53 -27.11
CA ARG G 450 -7.63 -36.54 -26.53
C ARG G 450 -9.06 -36.03 -26.40
N ASP G 451 -9.26 -34.74 -26.11
CA ASP G 451 -10.60 -34.20 -26.08
C ASP G 451 -11.25 -34.24 -27.47
N ARG G 452 -10.47 -33.94 -28.51
CA ARG G 452 -10.98 -34.03 -29.87
C ARG G 452 -11.34 -35.47 -30.22
N GLU G 453 -10.51 -36.43 -29.77
CA GLU G 453 -10.84 -37.84 -29.99
C GLU G 453 -12.14 -38.22 -29.29
N LEU G 454 -12.33 -37.72 -28.08
CA LEU G 454 -13.58 -37.98 -27.36
C LEU G 454 -14.77 -37.41 -28.10
N ARG G 455 -14.65 -36.18 -28.61
CA ARG G 455 -15.74 -35.59 -29.39
C ARG G 455 -16.00 -36.39 -30.66
N ARG G 456 -14.95 -36.95 -31.27
CA ARG G 456 -15.16 -37.85 -32.41
C ARG G 456 -15.94 -39.09 -31.99
N ALA G 457 -15.63 -39.63 -30.81
CA ALA G 457 -16.30 -40.85 -30.35
C ALA G 457 -17.80 -40.62 -30.15
N THR G 458 -18.18 -39.47 -29.59
CA THR G 458 -19.58 -39.17 -29.33
C THR G 458 -20.37 -39.05 -30.63
N VAL H 354 13.98 -1.90 -28.10
CA VAL H 354 14.42 -0.73 -27.34
C VAL H 354 15.94 -0.64 -27.38
N GLY H 355 16.46 0.30 -28.16
CA GLY H 355 17.88 0.50 -28.31
C GLY H 355 18.53 1.39 -27.29
N ASP H 356 17.77 1.89 -26.31
CA ASP H 356 18.35 2.79 -25.31
C ASP H 356 19.39 2.08 -24.45
N ILE H 357 19.15 0.80 -24.13
CA ILE H 357 20.08 0.07 -23.27
C ILE H 357 21.43 -0.09 -23.97
N ASN H 358 21.43 -0.35 -25.28
CA ASN H 358 22.68 -0.46 -26.02
C ASN H 358 23.45 0.87 -26.00
N ASP H 359 22.73 1.98 -26.15
CA ASP H 359 23.38 3.29 -26.08
C ASP H 359 23.98 3.53 -24.70
N THR H 360 23.24 3.18 -23.65
CA THR H 360 23.78 3.31 -22.31
C THR H 360 25.02 2.44 -22.11
N VAL H 361 24.99 1.22 -22.65
CA VAL H 361 26.11 0.31 -22.51
C VAL H 361 27.36 0.87 -23.20
N ARG H 362 27.19 1.35 -24.44
CA ARG H 362 28.35 1.89 -25.14
C ARG H 362 28.87 3.16 -24.48
N SER H 363 27.97 4.02 -23.98
CA SER H 363 28.42 5.21 -23.29
C SER H 363 29.19 4.87 -22.02
N TYR H 364 28.72 3.88 -21.26
CA TYR H 364 29.43 3.49 -20.05
C TYR H 364 30.76 2.82 -20.36
N LEU H 365 30.82 2.04 -21.44
CA LEU H 365 32.10 1.46 -21.86
C LEU H 365 33.09 2.53 -22.27
N ASP H 366 32.60 3.58 -22.95
CA ASP H 366 33.46 4.72 -23.26
C ASP H 366 33.91 5.42 -21.99
N GLU H 367 33.02 5.55 -21.01
CA GLU H 367 33.38 6.17 -19.74
C GLU H 367 34.48 5.39 -19.04
N ALA H 368 34.37 4.05 -19.03
CA ALA H 368 35.38 3.22 -18.37
C ALA H 368 36.73 3.35 -19.07
N GLY H 369 36.72 3.38 -20.41
CA GLY H 369 37.95 3.51 -21.17
C GLY H 369 38.20 4.93 -21.64
N ALA H 409 38.61 -0.36 -9.77
CA ALA H 409 37.86 -0.39 -8.53
C ALA H 409 36.36 -0.29 -8.79
N PHE H 410 35.99 0.58 -9.74
CA PHE H 410 34.59 0.74 -10.09
C PHE H 410 34.03 -0.54 -10.70
N ARG H 411 34.86 -1.29 -11.42
CA ARG H 411 34.42 -2.54 -12.03
C ARG H 411 33.97 -3.55 -10.98
N THR H 412 34.70 -3.64 -9.86
CA THR H 412 34.33 -4.57 -8.81
C THR H 412 32.96 -4.23 -8.21
N ALA H 413 32.72 -2.94 -7.93
CA ALA H 413 31.42 -2.55 -7.40
C ALA H 413 30.31 -2.78 -8.41
N VAL H 414 30.60 -2.55 -9.70
CA VAL H 414 29.63 -2.82 -10.75
C VAL H 414 29.26 -4.29 -10.75
N VAL H 415 30.25 -5.18 -10.66
CA VAL H 415 29.97 -6.61 -10.63
C VAL H 415 29.20 -6.98 -9.37
N ASN H 416 29.51 -6.32 -8.25
CA ASN H 416 28.79 -6.58 -7.00
C ASN H 416 27.30 -6.28 -7.15
N ASN H 417 26.98 -5.09 -7.65
CA ASN H 417 25.58 -4.74 -7.86
C ASN H 417 24.95 -5.64 -8.93
N ILE H 418 25.74 -6.07 -9.91
CA ILE H 418 25.21 -6.96 -10.95
C ILE H 418 24.75 -8.27 -10.35
N ASN H 419 25.59 -8.89 -9.51
CA ASN H 419 25.17 -10.17 -8.94
C ASN H 419 24.09 -9.98 -7.88
N GLY H 420 24.00 -8.80 -7.26
CA GLY H 420 22.83 -8.54 -6.42
C GLY H 420 21.53 -8.53 -7.21
N VAL H 421 21.54 -7.84 -8.36
CA VAL H 421 20.35 -7.83 -9.22
C VAL H 421 20.03 -9.23 -9.72
N LEU H 422 21.07 -9.99 -10.07
CA LEU H 422 20.85 -11.37 -10.51
C LEU H 422 20.33 -12.25 -9.38
N GLU H 423 20.68 -11.94 -8.13
CA GLU H 423 20.08 -12.65 -7.00
C GLU H 423 18.59 -12.35 -6.88
N GLY H 424 18.21 -11.08 -7.06
CA GLY H 424 16.80 -10.75 -7.10
C GLY H 424 16.07 -11.51 -8.20
N TYR H 425 16.67 -11.57 -9.39
CA TYR H 425 16.06 -12.32 -10.48
C TYR H 425 16.06 -13.82 -10.18
N ILE H 426 17.00 -14.31 -9.37
CA ILE H 426 16.97 -15.70 -8.92
C ILE H 426 15.71 -15.95 -8.11
N ASN H 427 15.40 -15.04 -7.19
CA ASN H 427 14.16 -15.17 -6.41
C ASN H 427 12.93 -15.15 -7.32
N ASN H 428 12.93 -14.23 -8.29
CA ASN H 428 11.82 -14.15 -9.24
C ASN H 428 11.65 -15.47 -9.99
N LEU H 429 12.76 -16.04 -10.47
CA LEU H 429 12.70 -17.27 -11.23
C LEU H 429 12.24 -18.45 -10.37
N PHE H 430 12.65 -18.46 -9.09
CA PHE H 430 12.17 -19.48 -8.16
C PHE H 430 10.65 -19.42 -8.04
N GLY H 431 10.11 -18.21 -7.87
CA GLY H 431 8.66 -18.08 -7.79
C GLY H 431 7.97 -18.56 -9.06
N THR H 432 8.51 -18.17 -10.21
CA THR H 432 7.91 -18.58 -11.48
C THR H 432 7.95 -20.10 -11.64
N ILE H 433 9.05 -20.73 -11.24
CA ILE H 433 9.17 -22.18 -11.35
C ILE H 433 8.14 -22.87 -10.47
N GLU H 434 7.95 -22.38 -9.25
CA GLU H 434 6.97 -22.99 -8.36
C GLU H 434 5.55 -22.87 -8.92
N ARG H 435 5.22 -21.68 -9.45
CA ARG H 435 3.89 -21.52 -10.03
C ARG H 435 3.68 -22.44 -11.23
N LEU H 436 4.72 -22.59 -12.07
CA LEU H 436 4.61 -23.49 -13.21
C LEU H 436 4.45 -24.95 -12.77
N ARG H 437 5.13 -25.33 -11.67
CA ARG H 437 4.94 -26.67 -11.14
C ARG H 437 3.50 -26.90 -10.69
N GLU H 438 2.91 -25.90 -10.03
CA GLU H 438 1.51 -26.02 -9.63
C GLU H 438 0.60 -26.17 -10.84
N THR H 439 0.87 -25.41 -11.90
CA THR H 439 0.09 -25.53 -13.13
C THR H 439 0.22 -26.93 -13.73
N ASN H 440 1.44 -27.49 -13.69
CA ASN H 440 1.66 -28.84 -14.20
C ASN H 440 0.85 -29.86 -13.41
N ALA H 441 0.81 -29.72 -12.08
CA ALA H 441 0.03 -30.65 -11.26
C ALA H 441 -1.46 -30.55 -11.60
N GLY H 442 -1.97 -29.33 -11.76
CA GLY H 442 -3.37 -29.18 -12.15
C GLY H 442 -3.68 -29.81 -13.50
N LEU H 443 -2.77 -29.63 -14.47
CA LEU H 443 -2.94 -30.27 -15.77
C LEU H 443 -2.99 -31.79 -15.63
N ALA H 444 -2.10 -32.35 -14.81
CA ALA H 444 -2.09 -33.80 -14.62
C ALA H 444 -3.42 -34.29 -14.04
N THR H 445 -3.94 -33.61 -13.02
CA THR H 445 -5.17 -34.10 -12.40
C THR H 445 -6.37 -33.97 -13.35
N GLN H 446 -6.44 -32.89 -14.13
CA GLN H 446 -7.55 -32.78 -15.07
C GLN H 446 -7.44 -33.83 -16.17
N LEU H 447 -6.21 -34.15 -16.60
CA LEU H 447 -6.03 -35.25 -17.54
C LEU H 447 -6.53 -36.56 -16.96
N GLN H 448 -6.24 -36.80 -15.67
CA GLN H 448 -6.71 -38.03 -15.04
C GLN H 448 -8.23 -38.12 -15.05
N GLU H 449 -8.90 -37.03 -14.69
CA GLU H 449 -10.37 -37.02 -14.68
C GLU H 449 -10.93 -37.27 -16.07
N ARG H 450 -10.32 -36.63 -17.09
CA ARG H 450 -10.77 -36.83 -18.45
C ARG H 450 -10.58 -38.29 -18.89
N ASP H 451 -9.49 -38.91 -18.46
CA ASP H 451 -9.28 -40.33 -18.76
C ASP H 451 -10.39 -41.17 -18.15
N ARG H 452 -10.76 -40.89 -16.90
CA ARG H 452 -11.85 -41.65 -16.28
C ARG H 452 -13.14 -41.54 -17.09
N GLU H 453 -13.53 -40.32 -17.44
CA GLU H 453 -14.80 -40.17 -18.14
C GLU H 453 -14.75 -40.77 -19.54
N LEU H 454 -13.60 -40.68 -20.22
CA LEU H 454 -13.47 -41.32 -21.53
C LEU H 454 -13.62 -42.83 -21.44
N ARG H 455 -12.98 -43.44 -20.44
CA ARG H 455 -13.12 -44.89 -20.28
C ARG H 455 -14.57 -45.28 -19.99
N ARG H 456 -15.24 -44.50 -19.15
CA ARG H 456 -16.65 -44.76 -18.88
C ARG H 456 -17.47 -44.73 -20.17
N ALA H 457 -17.27 -43.68 -20.98
CA ALA H 457 -18.06 -43.53 -22.20
C ALA H 457 -17.78 -44.68 -23.18
N THR H 458 -16.52 -45.06 -23.34
CA THR H 458 -16.18 -46.13 -24.27
C THR H 458 -16.79 -47.45 -23.83
N ALA H 459 -16.68 -47.77 -22.53
CA ALA H 459 -17.28 -49.00 -22.03
C ALA H 459 -18.79 -49.00 -22.27
N GLY H 460 -19.45 -47.87 -21.96
CA GLY H 460 -20.89 -47.79 -22.14
C GLY H 460 -21.32 -48.02 -23.59
N ALA H 461 -20.62 -47.37 -24.53
CA ALA H 461 -20.91 -47.60 -25.94
C ALA H 461 -20.73 -49.07 -26.29
N LEU H 462 -19.71 -49.71 -25.72
CA LEU H 462 -19.46 -51.12 -26.01
C LEU H 462 -20.64 -51.99 -25.57
N GLU H 463 -21.11 -51.81 -24.33
CA GLU H 463 -22.20 -52.69 -23.91
C GLU H 463 -23.49 -52.36 -24.64
N ARG H 464 -23.71 -51.09 -25.03
CA ARG H 464 -24.91 -50.78 -25.81
C ARG H 464 -24.87 -51.49 -27.16
N GLN H 465 -23.72 -51.45 -27.85
CA GLN H 465 -23.61 -52.14 -29.13
C GLN H 465 -23.79 -53.64 -28.96
N GLN H 466 -23.22 -54.21 -27.90
CA GLN H 466 -23.37 -55.65 -27.68
C GLN H 466 -24.83 -56.02 -27.42
N ARG H 467 -25.55 -55.22 -26.63
CA ARG H 467 -26.96 -55.49 -26.39
C ARG H 467 -27.77 -55.39 -27.68
N ALA H 468 -27.48 -54.39 -28.51
CA ALA H 468 -28.18 -54.27 -29.78
C ALA H 468 -27.92 -55.49 -30.67
N ALA H 469 -26.66 -55.94 -30.72
CA ALA H 469 -26.34 -57.12 -31.52
C ALA H 469 -27.05 -58.36 -30.99
N ASP H 470 -27.10 -58.51 -29.67
CA ASP H 470 -27.81 -59.66 -29.08
C ASP H 470 -29.29 -59.62 -29.42
N LEU H 471 -29.90 -58.43 -29.37
CA LEU H 471 -31.31 -58.30 -29.75
C LEU H 471 -31.51 -58.66 -31.22
N ALA H 472 -30.60 -58.24 -32.08
CA ALA H 472 -30.72 -58.56 -33.50
C ALA H 472 -30.65 -60.06 -33.75
N ALA H 473 -29.95 -60.80 -32.89
CA ALA H 473 -29.81 -62.24 -33.07
C ALA H 473 -31.16 -62.94 -32.91
N ALA I 337 31.78 -5.97 -18.29
CA ALA I 337 30.67 -6.43 -17.46
C ALA I 337 29.33 -6.02 -18.06
N ALA I 338 29.37 -5.02 -18.94
CA ALA I 338 28.14 -4.55 -19.58
C ALA I 338 27.56 -5.61 -20.51
N SER I 339 28.43 -6.37 -21.19
CA SER I 339 27.94 -7.41 -22.10
C SER I 339 27.16 -8.48 -21.36
N ARG I 340 27.50 -8.73 -20.10
CA ARG I 340 26.73 -9.70 -19.31
C ARG I 340 25.30 -9.22 -19.10
N LEU I 341 25.12 -7.94 -18.79
CA LEU I 341 23.78 -7.39 -18.65
C LEU I 341 23.07 -7.34 -20.00
N VAL I 342 23.80 -7.12 -21.09
CA VAL I 342 23.19 -7.16 -22.42
C VAL I 342 22.65 -8.56 -22.70
N ARG I 343 23.43 -9.58 -22.39
CA ARG I 343 22.96 -10.95 -22.56
C ARG I 343 21.76 -11.24 -21.67
N LEU I 344 21.78 -10.71 -20.45
CA LEU I 344 20.65 -10.91 -19.54
C LEU I 344 19.38 -10.29 -20.10
N ILE I 345 19.47 -9.06 -20.62
CA ILE I 345 18.27 -8.39 -21.12
C ILE I 345 17.77 -9.04 -22.40
N ILE I 346 18.69 -9.49 -23.27
CA ILE I 346 18.23 -10.16 -24.49
C ILE I 346 17.72 -11.57 -24.18
N ASN I 347 18.08 -12.12 -23.03
CA ASN I 347 17.54 -13.43 -22.65
C ASN I 347 16.04 -13.37 -22.44
N MET I 348 15.55 -12.32 -21.78
CA MET I 348 14.12 -12.18 -21.52
C MET I 348 13.40 -11.56 -22.72
N ASP I 356 12.49 -4.04 -15.76
CA ASP I 356 12.94 -3.80 -14.40
C ASP I 356 14.47 -3.74 -14.34
N ILE I 357 15.11 -4.56 -15.17
CA ILE I 357 16.58 -4.59 -15.19
C ILE I 357 17.14 -3.26 -15.69
N ASN I 358 16.52 -2.69 -16.72
CA ASN I 358 17.02 -1.44 -17.28
C ASN I 358 16.96 -0.31 -16.27
N ASP I 359 15.84 -0.21 -15.54
CA ASP I 359 15.70 0.86 -14.55
C ASP I 359 16.77 0.74 -13.46
N THR I 360 16.99 -0.48 -12.96
CA THR I 360 17.97 -0.67 -11.89
C THR I 360 19.39 -0.39 -12.38
N VAL I 361 19.74 -0.89 -13.56
CA VAL I 361 21.10 -0.69 -14.05
C VAL I 361 21.35 0.79 -14.35
N ARG I 362 20.33 1.49 -14.88
CA ARG I 362 20.50 2.91 -15.14
C ARG I 362 20.57 3.72 -13.85
N SER I 363 19.79 3.33 -12.83
CA SER I 363 19.85 4.03 -11.55
C SER I 363 21.20 3.84 -10.87
N TYR I 364 21.76 2.63 -10.94
CA TYR I 364 23.07 2.42 -10.33
C TYR I 364 24.19 3.02 -11.18
N LEU I 365 23.98 3.14 -12.49
CA LEU I 365 25.01 3.69 -13.36
C LEU I 365 25.36 5.12 -12.96
N ASP I 366 24.35 5.91 -12.60
CA ASP I 366 24.57 7.26 -12.10
C ASP I 366 25.11 7.21 -10.67
N ARG I 407 38.89 12.72 -12.48
CA ARG I 407 37.68 12.11 -13.00
C ARG I 407 36.60 13.17 -13.20
N GLN I 408 36.89 14.40 -12.78
CA GLN I 408 35.91 15.48 -12.87
C GLN I 408 35.63 15.85 -14.33
N ALA I 409 36.68 16.06 -15.12
CA ALA I 409 36.48 16.39 -16.53
C ALA I 409 35.83 15.23 -17.28
N PHE I 410 36.27 14.00 -17.01
CA PHE I 410 35.69 12.83 -17.67
C PHE I 410 34.21 12.71 -17.34
N ARG I 411 33.86 12.84 -16.06
CA ARG I 411 32.45 12.71 -15.67
C ARG I 411 31.61 13.84 -16.26
N THR I 412 32.17 15.06 -16.30
CA THR I 412 31.45 16.18 -16.90
C THR I 412 31.14 15.90 -18.37
N ALA I 413 32.15 15.46 -19.13
CA ALA I 413 31.95 15.19 -20.54
C ALA I 413 30.96 14.06 -20.76
N VAL I 414 31.06 12.99 -19.96
CA VAL I 414 30.17 11.84 -20.14
C VAL I 414 28.74 12.23 -19.79
N VAL I 415 28.56 13.02 -18.73
CA VAL I 415 27.22 13.48 -18.35
C VAL I 415 26.64 14.35 -19.46
N ASN I 416 27.46 15.23 -20.05
CA ASN I 416 26.98 16.04 -21.15
C ASN I 416 26.53 15.17 -22.33
N ASN I 417 27.34 14.17 -22.67
CA ASN I 417 27.00 13.29 -23.79
C ASN I 417 25.70 12.53 -23.53
N ILE I 418 25.58 11.94 -22.33
CA ILE I 418 24.38 11.16 -22.04
C ILE I 418 23.15 12.06 -21.97
N ASN I 419 23.30 13.29 -21.47
CA ASN I 419 22.17 14.21 -21.46
C ASN I 419 21.72 14.59 -22.85
N GLY I 420 22.67 14.84 -23.75
CA GLY I 420 22.30 15.10 -25.15
C GLY I 420 21.61 13.90 -25.79
N VAL I 421 22.13 12.70 -25.52
CA VAL I 421 21.52 11.49 -26.08
C VAL I 421 20.09 11.34 -25.58
N LEU I 422 19.87 11.54 -24.28
CA LEU I 422 18.54 11.36 -23.74
C LEU I 422 17.59 12.45 -24.24
N GLU I 423 18.09 13.67 -24.42
CA GLU I 423 17.26 14.74 -24.97
C GLU I 423 16.79 14.37 -26.38
N GLY I 424 17.71 13.90 -27.22
CA GLY I 424 17.33 13.47 -28.56
C GLY I 424 16.33 12.32 -28.54
N TYR I 425 16.58 11.34 -27.67
CA TYR I 425 15.68 10.18 -27.59
C TYR I 425 14.29 10.58 -27.13
N ILE I 426 14.21 11.51 -26.18
CA ILE I 426 12.92 12.01 -25.70
C ILE I 426 12.20 12.77 -26.80
N ASN I 427 12.93 13.58 -27.56
CA ASN I 427 12.30 14.28 -28.69
C ASN I 427 11.73 13.29 -29.69
N ASN I 428 12.49 12.24 -30.00
CA ASN I 428 11.99 11.22 -30.93
C ASN I 428 10.77 10.50 -30.37
N LEU I 429 10.76 10.22 -29.07
CA LEU I 429 9.61 9.59 -28.44
C LEU I 429 8.38 10.51 -28.51
N PHE I 430 8.57 11.81 -28.30
CA PHE I 430 7.46 12.74 -28.42
C PHE I 430 6.93 12.79 -29.85
N GLY I 431 7.82 12.72 -30.84
CA GLY I 431 7.37 12.61 -32.22
C GLY I 431 6.55 11.35 -32.45
N THR I 432 6.99 10.23 -31.88
CA THR I 432 6.21 9.00 -31.98
C THR I 432 4.83 9.17 -31.35
N ILE I 433 4.78 9.85 -30.19
CA ILE I 433 3.51 10.07 -29.51
C ILE I 433 2.56 10.88 -30.38
N GLU I 434 3.06 11.96 -30.97
CA GLU I 434 2.18 12.79 -31.80
C GLU I 434 1.74 12.04 -33.05
N ARG I 435 2.63 11.22 -33.62
CA ARG I 435 2.24 10.40 -34.77
C ARG I 435 1.09 9.46 -34.41
N LEU I 436 1.25 8.69 -33.34
CA LEU I 436 0.19 7.74 -32.97
C LEU I 436 -1.08 8.47 -32.55
N ARG I 437 -0.96 9.65 -31.94
CA ARG I 437 -2.15 10.38 -31.51
C ARG I 437 -2.95 10.87 -32.71
N GLU I 438 -2.27 11.44 -33.72
CA GLU I 438 -2.99 11.87 -34.91
C GLU I 438 -3.58 10.69 -35.66
N THR I 439 -2.87 9.54 -35.67
CA THR I 439 -3.42 8.35 -36.28
C THR I 439 -4.70 7.91 -35.58
N ASN I 440 -4.69 7.90 -34.24
CA ASN I 440 -5.88 7.52 -33.49
C ASN I 440 -7.03 8.48 -33.74
N ALA I 441 -6.74 9.79 -33.79
CA ALA I 441 -7.78 10.77 -34.05
C ALA I 441 -8.42 10.55 -35.41
N GLY I 442 -7.59 10.34 -36.44
CA GLY I 442 -8.12 10.08 -37.77
C GLY I 442 -8.95 8.82 -37.84
N LEU I 443 -8.47 7.75 -37.21
CA LEU I 443 -9.23 6.50 -37.23
C LEU I 443 -10.57 6.66 -36.51
N ALA I 444 -10.59 7.37 -35.38
CA ALA I 444 -11.84 7.60 -34.67
C ALA I 444 -12.80 8.42 -35.51
N THR I 445 -12.30 9.47 -36.18
CA THR I 445 -13.16 10.28 -37.03
C THR I 445 -13.75 9.45 -38.17
N GLN I 446 -12.93 8.61 -38.79
CA GLN I 446 -13.44 7.72 -39.83
C GLN I 446 -14.50 6.78 -39.26
N LEU I 447 -14.27 6.28 -38.05
CA LEU I 447 -15.26 5.39 -37.42
C LEU I 447 -16.59 6.07 -37.23
N GLN I 448 -16.59 7.29 -36.68
CA GLN I 448 -17.84 8.00 -36.49
C GLN I 448 -18.54 8.32 -37.81
N GLU I 449 -17.77 8.78 -38.80
CA GLU I 449 -18.38 9.12 -40.09
C GLU I 449 -18.99 7.90 -40.75
N ARG I 450 -18.28 6.77 -40.72
CA ARG I 450 -18.77 5.53 -41.31
C ARG I 450 -19.96 4.97 -40.54
N ASP I 451 -19.98 5.11 -39.22
CA ASP I 451 -21.15 4.70 -38.45
C ASP I 451 -22.36 5.57 -38.79
N ARG I 452 -22.14 6.87 -39.00
CA ARG I 452 -23.22 7.74 -39.46
C ARG I 452 -23.72 7.29 -40.83
N GLU I 453 -22.81 6.91 -41.72
CA GLU I 453 -23.20 6.37 -43.01
C GLU I 453 -24.08 5.13 -42.84
N LEU I 454 -23.66 4.22 -41.95
CA LEU I 454 -24.44 3.00 -41.73
C LEU I 454 -25.83 3.31 -41.21
N ARG I 455 -25.93 4.25 -40.25
CA ARG I 455 -27.23 4.59 -39.71
C ARG I 455 -28.12 5.25 -40.76
N ARG I 456 -27.54 6.09 -41.62
CA ARG I 456 -28.31 6.70 -42.69
C ARG I 456 -28.81 5.64 -43.67
N ALA I 457 -27.95 4.69 -44.04
CA ALA I 457 -28.33 3.69 -45.03
C ALA I 457 -29.49 2.82 -44.55
N THR I 458 -29.47 2.43 -43.29
CA THR I 458 -30.51 1.57 -42.74
C THR I 458 -31.87 2.28 -42.73
N VAL J 354 2.32 28.50 -13.40
CA VAL J 354 3.72 28.15 -13.50
C VAL J 354 4.58 29.26 -12.88
N GLY J 355 3.94 30.19 -12.19
CA GLY J 355 4.67 31.29 -11.58
C GLY J 355 5.70 30.83 -10.58
N ASP J 356 5.39 29.77 -9.81
CA ASP J 356 6.38 29.21 -8.89
C ASP J 356 7.61 28.73 -9.64
N ILE J 357 7.40 28.07 -10.78
CA ILE J 357 8.53 27.57 -11.57
C ILE J 357 9.38 28.73 -12.06
N ASN J 358 8.75 29.78 -12.58
CA ASN J 358 9.51 30.92 -13.09
C ASN J 358 10.30 31.59 -11.97
N ASP J 359 9.67 31.79 -10.81
CA ASP J 359 10.37 32.46 -9.72
C ASP J 359 11.50 31.60 -9.17
N THR J 360 11.29 30.29 -9.07
CA THR J 360 12.35 29.40 -8.63
C THR J 360 13.52 29.38 -9.61
N VAL J 361 13.21 29.38 -10.91
CA VAL J 361 14.26 29.44 -11.92
C VAL J 361 15.05 30.74 -11.79
N ARG J 362 14.35 31.85 -11.58
CA ARG J 362 15.01 33.14 -11.40
C ARG J 362 15.95 33.09 -10.19
N SER J 363 15.46 32.59 -9.06
CA SER J 363 16.27 32.55 -7.86
C SER J 363 17.48 31.64 -8.03
N TYR J 364 17.29 30.48 -8.67
CA TYR J 364 18.40 29.56 -8.88
C TYR J 364 19.45 30.16 -9.81
N LEU J 365 19.02 30.82 -10.89
CA LEU J 365 19.96 31.43 -11.81
C LEU J 365 20.73 32.57 -11.13
N ASP J 366 20.05 33.35 -10.30
CA ASP J 366 20.75 34.41 -9.57
C ASP J 366 21.75 33.84 -8.57
N GLU J 367 21.36 32.77 -7.87
CA GLU J 367 22.27 32.14 -6.92
C GLU J 367 23.50 31.56 -7.61
N ALA J 368 23.30 30.90 -8.76
CA ALA J 368 24.42 30.33 -9.49
C ALA J 368 25.34 31.43 -10.03
N GLY J 369 24.76 32.51 -10.53
CA GLY J 369 25.53 33.62 -11.06
C GLY J 369 25.53 34.84 -10.16
N ALA J 409 30.78 23.39 -10.92
CA ALA J 409 30.46 22.47 -9.83
C ALA J 409 28.95 22.27 -9.71
N PHE J 410 28.23 23.38 -9.59
CA PHE J 410 26.77 23.30 -9.48
C PHE J 410 26.16 22.70 -10.75
N ARG J 411 26.61 23.17 -11.91
CA ARG J 411 25.98 22.79 -13.17
C ARG J 411 26.12 21.29 -13.44
N THR J 412 27.28 20.71 -13.11
CA THR J 412 27.50 19.30 -13.39
C THR J 412 26.54 18.42 -12.60
N ALA J 413 26.43 18.65 -11.29
CA ALA J 413 25.52 17.87 -10.47
C ALA J 413 24.07 18.10 -10.87
N VAL J 414 23.72 19.36 -11.17
CA VAL J 414 22.34 19.67 -11.56
C VAL J 414 21.98 18.93 -12.84
N VAL J 415 22.89 18.94 -13.83
CA VAL J 415 22.58 18.30 -15.09
C VAL J 415 22.61 16.77 -14.94
N ASN J 416 23.41 16.24 -14.02
CA ASN J 416 23.37 14.80 -13.75
C ASN J 416 22.02 14.39 -13.19
N ASN J 417 21.51 15.15 -12.22
CA ASN J 417 20.22 14.81 -11.66
C ASN J 417 19.08 15.05 -12.64
N ILE J 418 19.20 16.06 -13.50
CA ILE J 418 18.20 16.24 -14.54
C ILE J 418 18.28 15.09 -15.54
N ASN J 419 19.48 14.52 -15.74
CA ASN J 419 19.61 13.32 -16.55
C ASN J 419 18.83 12.16 -15.94
N GLY J 420 18.94 11.99 -14.63
CA GLY J 420 18.18 10.94 -13.96
C GLY J 420 16.67 11.13 -14.09
N VAL J 421 16.20 12.35 -13.87
CA VAL J 421 14.76 12.59 -13.96
C VAL J 421 14.29 12.44 -15.40
N LEU J 422 15.14 12.75 -16.38
CA LEU J 422 14.79 12.48 -17.77
C LEU J 422 14.68 10.98 -18.03
N GLU J 423 15.52 10.18 -17.39
CA GLU J 423 15.38 8.73 -17.50
C GLU J 423 14.02 8.27 -16.96
N GLY J 424 13.62 8.82 -15.81
CA GLY J 424 12.29 8.51 -15.29
C GLY J 424 11.19 8.91 -16.25
N TYR J 425 11.31 10.09 -16.84
CA TYR J 425 10.34 10.53 -17.84
C TYR J 425 10.32 9.60 -19.05
N ILE J 426 11.49 9.05 -19.41
CA ILE J 426 11.56 8.08 -20.51
C ILE J 426 10.74 6.84 -20.17
N ASN J 427 10.85 6.36 -18.94
CA ASN J 427 10.02 5.23 -18.54
C ASN J 427 8.53 5.56 -18.64
N ASN J 428 8.15 6.76 -18.19
CA ASN J 428 6.76 7.19 -18.32
C ASN J 428 6.33 7.19 -19.78
N LEU J 429 7.21 7.69 -20.67
CA LEU J 429 6.89 7.74 -22.10
C LEU J 429 6.69 6.35 -22.66
N PHE J 430 7.53 5.39 -22.25
CA PHE J 430 7.35 4.01 -22.69
C PHE J 430 5.97 3.49 -22.30
N GLY J 431 5.58 3.72 -21.04
CA GLY J 431 4.27 3.27 -20.62
C GLY J 431 3.14 3.87 -21.45
N THR J 432 3.20 5.19 -21.68
CA THR J 432 2.11 5.84 -22.38
C THR J 432 2.05 5.43 -23.86
N ILE J 433 3.21 5.24 -24.49
CA ILE J 433 3.18 4.81 -25.89
C ILE J 433 2.64 3.39 -26.00
N GLU J 434 2.95 2.52 -25.02
CA GLU J 434 2.41 1.18 -25.05
C GLU J 434 0.88 1.19 -24.95
N ARG J 435 0.35 1.94 -23.98
CA ARG J 435 -1.11 1.97 -23.83
C ARG J 435 -1.78 2.58 -25.06
N LEU J 436 -1.16 3.59 -25.65
CA LEU J 436 -1.74 4.22 -26.84
C LEU J 436 -1.72 3.26 -28.04
N ARG J 437 -0.66 2.45 -28.16
CA ARG J 437 -0.64 1.45 -29.22
C ARG J 437 -1.76 0.43 -29.03
N GLU J 438 -2.00 0.02 -27.78
CA GLU J 438 -3.11 -0.90 -27.52
C GLU J 438 -4.45 -0.28 -27.94
N THR J 439 -4.64 1.00 -27.61
CA THR J 439 -5.86 1.69 -28.03
C THR J 439 -5.99 1.73 -29.55
N ASN J 440 -4.86 1.95 -30.25
CA ASN J 440 -4.87 1.96 -31.70
C ASN J 440 -5.32 0.62 -32.27
N ALA J 441 -4.79 -0.48 -31.71
CA ALA J 441 -5.18 -1.80 -32.17
C ALA J 441 -6.67 -2.04 -31.96
N GLY J 442 -7.19 -1.65 -30.79
CA GLY J 442 -8.62 -1.79 -30.55
C GLY J 442 -9.45 -1.02 -31.56
N LEU J 443 -9.06 0.23 -31.84
CA LEU J 443 -9.79 1.03 -32.81
C LEU J 443 -9.78 0.36 -34.18
N ALA J 444 -8.62 -0.21 -34.57
CA ALA J 444 -8.55 -0.88 -35.86
C ALA J 444 -9.50 -2.07 -35.93
N THR J 445 -9.57 -2.86 -34.87
CA THR J 445 -10.46 -4.03 -34.94
C THR J 445 -11.94 -3.61 -34.98
N GLN J 446 -12.30 -2.54 -34.25
CA GLN J 446 -13.67 -2.05 -34.38
C GLN J 446 -13.95 -1.57 -35.80
N LEU J 447 -12.98 -0.91 -36.43
CA LEU J 447 -13.15 -0.48 -37.82
C LEU J 447 -13.42 -1.68 -38.72
N GLN J 448 -12.66 -2.77 -38.53
CA GLN J 448 -12.86 -3.95 -39.36
C GLN J 448 -14.27 -4.53 -39.17
N GLU J 449 -14.73 -4.62 -37.92
CA GLU J 449 -16.06 -5.15 -37.67
C GLU J 449 -17.13 -4.29 -38.34
N ARG J 450 -17.00 -2.98 -38.24
CA ARG J 450 -17.98 -2.10 -38.88
C ARG J 450 -17.95 -2.24 -40.40
N ASP J 451 -16.75 -2.42 -40.96
CA ASP J 451 -16.65 -2.72 -42.39
C ASP J 451 -17.49 -3.92 -42.76
N ARG J 452 -17.30 -5.03 -42.03
CA ARG J 452 -18.01 -6.25 -42.42
C ARG J 452 -19.52 -6.07 -42.30
N GLU J 453 -19.97 -5.41 -41.22
CA GLU J 453 -21.41 -5.27 -41.04
C GLU J 453 -22.03 -4.35 -42.09
N LEU J 454 -21.33 -3.27 -42.47
CA LEU J 454 -21.87 -2.40 -43.51
C LEU J 454 -21.94 -3.13 -44.84
N ARG J 455 -20.94 -3.96 -45.15
CA ARG J 455 -20.97 -4.71 -46.39
C ARG J 455 -22.18 -5.65 -46.43
N ARG J 456 -22.40 -6.40 -45.34
CA ARG J 456 -23.57 -7.29 -45.33
C ARG J 456 -24.87 -6.50 -45.45
N ALA J 457 -24.96 -5.36 -44.77
CA ALA J 457 -26.19 -4.57 -44.81
C ALA J 457 -26.49 -4.09 -46.23
N THR J 458 -25.49 -3.54 -46.91
CA THR J 458 -25.74 -3.01 -48.26
C THR J 458 -26.05 -4.15 -49.24
N ALA J 459 -25.39 -5.30 -49.08
CA ALA J 459 -25.70 -6.44 -49.93
C ALA J 459 -27.16 -6.87 -49.76
N GLY J 460 -27.60 -6.96 -48.50
CA GLY J 460 -28.99 -7.33 -48.25
C GLY J 460 -29.97 -6.34 -48.82
N ALA J 461 -29.67 -5.03 -48.68
CA ALA J 461 -30.56 -4.01 -49.22
C ALA J 461 -30.68 -4.13 -50.75
N LEU J 462 -29.54 -4.32 -51.42
CA LEU J 462 -29.57 -4.46 -52.88
C LEU J 462 -30.36 -5.70 -53.29
N GLU J 463 -30.18 -6.81 -52.57
CA GLU J 463 -30.93 -8.02 -52.89
C GLU J 463 -32.43 -7.81 -52.72
N ARG J 464 -32.84 -7.13 -51.65
CA ARG J 464 -34.26 -6.86 -51.45
C ARG J 464 -34.82 -5.99 -52.56
N GLN J 465 -34.08 -4.95 -52.95
CA GLN J 465 -34.54 -4.11 -54.05
C GLN J 465 -34.68 -4.91 -55.34
N GLN J 466 -33.71 -5.78 -55.63
CA GLN J 466 -33.78 -6.59 -56.84
C GLN J 466 -35.00 -7.52 -56.81
N ARG J 467 -35.26 -8.14 -55.66
CA ARG J 467 -36.42 -9.02 -55.56
C ARG J 467 -37.71 -8.25 -55.76
N ALA J 468 -37.81 -7.06 -55.17
CA ALA J 468 -39.02 -6.25 -55.34
C ALA J 468 -39.21 -5.86 -56.80
N ALA J 469 -38.12 -5.47 -57.48
CA ALA J 469 -38.22 -5.11 -58.89
C ALA J 469 -38.64 -6.32 -59.73
N ASP J 470 -38.10 -7.50 -59.43
CA ASP J 470 -38.47 -8.69 -60.17
C ASP J 470 -39.95 -9.03 -59.97
N LEU J 471 -40.44 -8.91 -58.74
CA LEU J 471 -41.86 -9.16 -58.49
C LEU J 471 -42.73 -8.15 -59.21
N ALA J 472 -42.32 -6.88 -59.23
CA ALA J 472 -43.11 -5.85 -59.89
C ALA J 472 -43.21 -6.07 -61.40
N ALA J 473 -42.22 -6.75 -61.98
CA ALA J 473 -42.19 -6.98 -63.42
C ALA J 473 -43.35 -7.88 -63.86
#